data_4B76
#
_entry.id   4B76
#
_cell.length_a   91.353
_cell.length_b   110.311
_cell.length_c   142.149
_cell.angle_alpha   90.00
_cell.angle_beta   90.00
_cell.angle_gamma   90.00
#
_symmetry.space_group_name_H-M   'P 21 21 21'
#
loop_
_entity.id
_entity.type
_entity.pdbx_description
1 polymer 'NON-STRUCTURAL PROTEIN 4A, SERINE PROTEASE NS3'
2 non-polymer [2,4-bis(fluoranyl)-3-phenoxy-phenyl]methylazanium
3 water water
#
_entity_poly.entity_id   1
_entity_poly.type   'polypeptide(L)'
_entity_poly.pdbx_seq_one_letter_code
;MGSSHHHHHHSSGLVPRGSHMGSVVIVGRIILSGSGSITAYSQQTRGLLGCIITSLTGRDKNQVEGEVQVVSTATQSFLA
TCVNGVCWTVYHGAGSKTLAGPKGPITQMYTNVDQDLVGWQAPPGARSLTPCTCGSSDLYLVTRHADVIPVRRRGDSRGS
LLSPRPVSYLKGSSGGPLLCPSGHAVGIFRAAVCTRGVAKAVDFVPVESMETTMRSPVFTDNSSPPAVPQSFQVAHLHAP
TGSGKSTKVPAAYAAQGYKVLVLNPSVAATLGFGAYMSKAHGIDPNIRTGVRTITTGAPVTYSTYGKFLADGGCSGGAYD
IIICDECHSTDSTTILGIGTVLDQAETAGARLVVLATATPPGSVTVPHPNIEEVALSNTGEIPFYGKAIPIEAIRGGRHL
IFCHSKKKCDELAAKLSGLGINAVAYYRGLDVSVIPTIGDVVVVATDALMTGYTGDFDSVIDCNTCVTQTVDFSLDPTFT
IETTTVPQDAVSRSQRRGRTGRGRRGIYRFVTPGERPSGMFDSSVLCECYDAGCAWYELTPAETSVRLRAYLNTPGLPVC
QDHLEFWESVFTGLTHIDAHFLSQTKQAGDNFPYLVAYQATVCARAQAPPPSWDQMWKCLIRLKPTLHGPTPLLYRLGAV
QNEVTLTHPITKYIMACMSADLEVVT
;
_entity_poly.pdbx_strand_id   A,B
#
# COMPACT_ATOMS: atom_id res chain seq x y z
N GLY A 22 19.49 9.59 5.39
CA GLY A 22 18.41 10.46 5.91
C GLY A 22 18.13 10.32 7.40
N SER A 23 17.89 11.45 8.07
CA SER A 23 17.50 11.45 9.46
C SER A 23 15.99 11.24 9.57
N VAL A 24 15.58 10.72 10.71
CA VAL A 24 14.20 10.76 11.16
C VAL A 24 13.86 12.20 11.53
N VAL A 25 12.67 12.67 11.14
CA VAL A 25 12.28 14.02 11.51
C VAL A 25 10.91 14.11 12.17
N ILE A 26 10.84 15.03 13.15
CA ILE A 26 9.63 15.33 13.87
C ILE A 26 8.74 16.20 12.99
N VAL A 27 7.49 15.75 12.79
CA VAL A 27 6.57 16.44 11.89
C VAL A 27 5.30 16.90 12.59
N GLY A 28 5.19 16.58 13.86
CA GLY A 28 4.01 16.93 14.60
C GLY A 28 4.20 16.41 15.97
N ARG A 29 3.14 16.50 16.76
CA ARG A 29 3.19 16.11 18.15
C ARG A 29 1.79 15.76 18.61
N ILE A 30 1.71 14.94 19.65
CA ILE A 30 0.46 14.57 20.30
C ILE A 30 0.48 15.15 21.71
N ILE A 31 -0.45 16.08 21.99
CA ILE A 31 -0.53 16.80 23.25
C ILE A 31 -1.51 16.09 24.18
N LEU A 32 -1.06 15.73 25.39
CA LEU A 32 -1.91 15.02 26.34
C LEU A 32 -2.57 15.99 27.33
N SER A 33 -3.76 15.64 27.83
CA SER A 33 -4.45 16.45 28.85
C SER A 33 -3.68 16.43 30.16
N GLY A 34 -3.63 17.58 30.83
CA GLY A 34 -2.82 17.76 32.04
C GLY A 34 -3.52 17.40 33.34
N SER A 35 -4.83 17.26 33.27
CA SER A 35 -5.63 16.88 34.44
C SER A 35 -6.84 16.11 33.99
N GLY A 36 -7.52 15.50 34.95
CA GLY A 36 -8.75 14.76 34.67
C GLY A 36 -8.51 13.61 33.73
N SER A 37 -9.55 13.20 33.01
CA SER A 37 -9.42 12.05 32.12
C SER A 37 -8.21 12.26 31.21
N ILE A 38 -7.50 10.89 30.64
CA ILE A 38 -6.47 11.19 29.64
C ILE A 38 -7.15 11.38 28.29
N THR A 39 -6.94 12.53 27.65
CA THR A 39 -7.34 12.80 26.26
C THR A 39 -6.16 13.45 25.56
N ALA A 40 -6.27 13.64 24.25
CA ALA A 40 -5.16 14.10 23.45
C ALA A 40 -5.63 14.68 22.17
N TYR A 41 -4.77 15.46 21.54
CA TYR A 41 -5.02 15.97 20.21
C TYR A 41 -3.70 16.17 19.56
N SER A 42 -3.70 16.34 18.25
CA SER A 42 -2.44 16.56 17.56
C SER A 42 -2.24 17.91 16.92
N GLN A 43 -0.98 18.15 16.62
CA GLN A 43 -0.53 19.38 15.98
C GLN A 43 0.43 18.97 14.91
N GLN A 44 0.22 19.41 13.69
CA GLN A 44 1.17 19.10 12.65
C GLN A 44 2.11 20.28 12.48
N THR A 45 3.42 20.02 12.58
CA THR A 45 4.43 21.07 12.49
C THR A 45 5.19 21.11 11.19
N ARG A 46 5.15 20.05 10.38
CA ARG A 46 5.83 20.05 9.10
C ARG A 46 5.02 19.38 8.02
N GLY A 47 5.07 19.97 6.83
CA GLY A 47 4.52 19.34 5.63
C GLY A 47 5.53 18.40 5.00
N LEU A 48 5.26 18.01 3.76
CA LEU A 48 6.05 17.00 3.10
C LEU A 48 7.42 17.53 2.74
N LEU A 49 7.45 18.70 2.12
CA LEU A 49 8.67 19.31 1.65
C LEU A 49 9.60 19.59 2.83
N GLY A 50 9.02 20.19 3.85
CA GLY A 50 9.71 20.45 5.09
C GLY A 50 10.34 19.20 5.67
N CYS A 51 9.60 18.09 5.68
CA CYS A 51 10.11 16.83 6.20
C CYS A 51 11.29 16.36 5.36
N ILE A 52 11.12 16.31 4.04
CA ILE A 52 12.16 15.82 3.15
C ILE A 52 13.46 16.63 3.28
N ILE A 53 13.34 17.95 3.35
CA ILE A 53 14.50 18.82 3.51
C ILE A 53 15.18 18.61 4.87
N THR A 54 14.40 18.57 5.93
CA THR A 54 14.94 18.36 7.28
C THR A 54 15.57 16.95 7.41
N SER A 55 15.09 16.00 6.62
CA SER A 55 15.69 14.67 6.60
C SER A 55 17.11 14.71 6.02
N LEU A 56 17.27 15.51 4.98
CA LEU A 56 18.54 15.57 4.24
C LEU A 56 19.61 16.30 5.02
N THR A 57 19.27 17.46 5.55
CA THR A 57 20.23 18.25 6.31
C THR A 57 20.40 17.71 7.72
N GLY A 58 19.41 16.96 8.20
CA GLY A 58 19.42 16.54 9.60
C GLY A 58 19.39 17.70 10.56
N ARG A 59 19.04 18.90 10.08
CA ARG A 59 19.02 20.09 10.91
C ARG A 59 17.60 20.58 11.15
N ASP A 60 17.19 20.56 12.40
CA ASP A 60 15.83 20.95 12.75
C ASP A 60 15.83 21.95 13.89
N LYS A 61 15.49 23.20 13.54
CA LYS A 61 15.44 24.30 14.51
C LYS A 61 14.13 24.38 15.29
N ASN A 62 13.04 23.80 14.78
CA ASN A 62 11.78 23.82 15.53
C ASN A 62 12.02 23.27 16.90
N GLN A 63 11.53 23.94 17.93
CA GLN A 63 11.66 23.40 19.29
C GLN A 63 10.63 22.30 19.54
N VAL A 64 10.93 21.48 20.55
CA VAL A 64 10.30 20.20 20.74
C VAL A 64 9.37 20.24 21.94
N GLU A 65 8.14 20.67 21.69
CA GLU A 65 7.12 20.66 22.71
C GLU A 65 6.48 19.30 22.78
N GLY A 66 5.81 19.06 23.89
CA GLY A 66 5.08 17.86 24.09
C GLY A 66 6.08 16.76 24.35
N GLU A 67 5.57 15.66 24.85
CA GLU A 67 6.39 14.50 25.18
C GLU A 67 6.24 13.38 24.12
N VAL A 68 5.15 13.39 23.36
CA VAL A 68 4.93 12.45 22.24
C VAL A 68 5.07 13.14 20.88
N GLN A 69 6.08 12.73 20.14
CA GLN A 69 6.37 13.33 18.85
C GLN A 69 5.80 12.43 17.77
N VAL A 70 5.48 13.01 16.63
CA VAL A 70 5.06 12.28 15.45
C VAL A 70 6.27 12.44 14.56
N VAL A 71 6.84 11.31 14.16
CA VAL A 71 8.12 11.29 13.48
C VAL A 71 7.92 10.60 12.15
N SER A 72 8.80 10.91 11.20
CA SER A 72 8.72 10.33 9.92
C SER A 72 10.11 10.15 9.28
N THR A 73 10.22 9.13 8.44
CA THR A 73 11.32 8.95 7.51
C THR A 73 10.71 9.19 6.14
N ALA A 74 11.50 9.07 5.08
CA ALA A 74 10.96 9.14 3.73
C ALA A 74 9.89 8.08 3.51
N THR A 75 10.12 6.86 3.99
CA THR A 75 9.23 5.74 3.73
C THR A 75 8.01 5.67 4.68
N GLN A 76 8.19 5.95 5.97
CA GLN A 76 7.08 5.78 6.90
C GLN A 76 6.98 6.83 7.99
N SER A 77 5.86 6.78 8.70
CA SER A 77 5.65 7.64 9.86
C SER A 77 5.18 6.82 11.04
N PHE A 78 5.54 7.28 12.24
CA PHE A 78 5.24 6.56 13.48
C PHE A 78 5.43 7.55 14.65
N LEU A 79 5.62 7.08 15.89
CA LEU A 79 5.68 7.95 17.02
C LEU A 79 6.97 7.78 17.78
N ALA A 80 7.30 8.77 18.62
CA ALA A 80 8.40 8.66 19.58
C ALA A 80 8.04 9.40 20.85
N THR A 81 8.38 8.79 21.96
CA THR A 81 7.97 9.23 23.28
C THR A 81 9.21 9.54 24.12
N CYS A 82 9.49 10.83 24.40
CA CYS A 82 10.55 11.17 25.38
C CYS A 82 10.21 10.71 26.79
N VAL A 83 11.02 9.80 27.32
CA VAL A 83 10.99 9.41 28.74
C VAL A 83 12.39 9.67 29.31
N ASN A 84 12.47 10.49 30.36
CA ASN A 84 13.72 10.74 31.10
C ASN A 84 14.87 11.28 30.29
N GLY A 85 14.62 12.32 29.50
CA GLY A 85 15.67 12.90 28.66
C GLY A 85 15.98 12.17 27.36
N VAL A 86 15.46 10.95 27.19
CA VAL A 86 15.62 10.19 25.96
C VAL A 86 14.30 10.10 25.14
N CYS A 87 14.41 10.44 23.88
CA CYS A 87 13.35 10.28 22.92
C CYS A 87 13.47 8.86 22.38
N TRP A 88 12.55 8.00 22.81
CA TRP A 88 12.54 6.60 22.47
C TRP A 88 11.60 6.30 21.32
N THR A 89 11.99 5.35 20.48
CA THR A 89 11.11 4.79 19.49
C THR A 89 11.51 3.35 19.12
N VAL A 90 10.91 2.83 18.07
CA VAL A 90 11.09 1.43 17.68
C VAL A 90 12.16 1.28 16.65
N TYR A 91 12.94 0.23 16.77
CA TYR A 91 14.01 -0.03 15.81
C TYR A 91 13.43 -0.29 14.41
N HIS A 92 12.30 -0.98 14.37
CA HIS A 92 11.68 -1.32 13.06
C HIS A 92 11.20 -0.12 12.31
N GLY A 93 11.02 1.01 13.01
CA GLY A 93 10.72 2.26 12.31
C GLY A 93 11.94 3.09 12.00
N ALA A 94 12.78 3.30 13.02
CA ALA A 94 13.89 4.24 12.91
C ALA A 94 15.19 3.61 12.41
N GLY A 95 15.31 2.29 12.51
CA GLY A 95 16.62 1.66 12.28
C GLY A 95 17.67 2.29 13.21
N SER A 96 18.84 2.59 12.63
CA SER A 96 19.93 3.23 13.39
C SER A 96 20.08 4.70 13.00
N LYS A 97 19.03 5.27 12.44
CA LYS A 97 19.14 6.59 11.83
C LYS A 97 19.30 7.64 12.89
N THR A 98 19.92 8.74 12.53
CA THR A 98 19.95 9.90 13.37
C THR A 98 18.59 10.63 13.35
N LEU A 99 18.40 11.48 14.36
CA LEU A 99 17.24 12.35 14.54
C LEU A 99 17.61 13.81 14.23
N ALA A 100 16.86 14.44 13.33
CA ALA A 100 17.15 15.83 12.96
C ALA A 100 17.08 16.68 14.22
N GLY A 101 18.10 17.52 14.40
CA GLY A 101 18.23 18.31 15.63
C GLY A 101 18.70 19.74 15.40
N PRO A 102 18.65 20.58 16.43
CA PRO A 102 18.94 22.02 16.27
C PRO A 102 20.38 22.33 15.82
N LYS A 103 21.33 21.48 16.18
CA LYS A 103 22.71 21.66 15.72
C LYS A 103 23.12 20.58 14.71
N GLY A 104 22.15 19.92 14.09
CA GLY A 104 22.46 18.86 13.12
C GLY A 104 22.02 17.51 13.66
N PRO A 105 22.31 16.45 12.90
CA PRO A 105 21.82 15.10 13.23
C PRO A 105 22.26 14.63 14.61
N ILE A 106 21.33 14.07 15.37
CA ILE A 106 21.62 13.54 16.68
C ILE A 106 21.76 12.02 16.52
N THR A 107 22.96 11.52 16.82
CA THR A 107 23.26 10.08 16.82
C THR A 107 22.51 9.37 17.91
N GLN A 108 22.08 8.13 17.65
CA GLN A 108 21.43 7.33 18.72
C GLN A 108 22.35 7.12 19.90
N MET A 109 21.78 7.16 21.11
CA MET A 109 22.49 6.90 22.34
C MET A 109 22.24 5.48 22.80
N TYR A 110 21.07 4.97 22.46
CA TYR A 110 20.74 3.56 22.69
C TYR A 110 20.15 2.95 21.42
N THR A 111 20.62 1.74 21.12
CA THR A 111 20.14 0.90 20.03
C THR A 111 20.04 -0.51 20.58
N ASN A 112 18.84 -0.94 20.99
CA ASN A 112 18.65 -2.31 21.39
C ASN A 112 17.71 -3.04 20.40
N VAL A 113 18.35 -3.75 19.47
CA VAL A 113 17.64 -4.37 18.38
C VAL A 113 16.69 -5.43 18.93
N ASP A 114 17.15 -6.20 19.91
CA ASP A 114 16.37 -7.28 20.47
C ASP A 114 15.07 -6.82 21.13
N GLN A 115 15.10 -5.68 21.79
CA GLN A 115 13.90 -5.10 22.37
C GLN A 115 13.14 -4.26 21.38
N ASP A 116 13.64 -4.07 20.16
CA ASP A 116 13.02 -3.17 19.20
C ASP A 116 12.90 -1.74 19.75
N LEU A 117 14.00 -1.24 20.31
CA LEU A 117 13.99 0.00 21.08
C LEU A 117 15.24 0.78 20.77
N VAL A 118 15.07 2.02 20.31
CA VAL A 118 16.18 2.95 20.10
C VAL A 118 15.83 4.23 20.85
N GLY A 119 16.87 5.01 21.15
CA GLY A 119 16.77 6.24 21.96
C GLY A 119 17.78 7.26 21.54
N TRP A 120 17.32 8.50 21.39
CA TRP A 120 18.18 9.66 21.12
C TRP A 120 18.07 10.59 22.32
N GLN A 121 19.17 11.25 22.72
CA GLN A 121 19.10 12.17 23.89
C GLN A 121 18.26 13.37 23.46
N ALA A 122 17.24 13.71 24.25
CA ALA A 122 16.33 14.79 23.82
C ALA A 122 16.99 16.15 23.98
N PRO A 123 16.73 17.09 23.04
CA PRO A 123 17.27 18.45 23.15
C PRO A 123 17.00 19.09 24.52
N PRO A 124 17.93 19.93 25.02
CA PRO A 124 17.70 20.51 26.35
C PRO A 124 16.44 21.36 26.32
N GLY A 125 15.61 21.24 27.35
CA GLY A 125 14.33 21.95 27.40
C GLY A 125 13.13 21.15 26.89
N ALA A 126 13.36 20.13 26.06
CA ALA A 126 12.27 19.24 25.61
C ALA A 126 11.54 18.64 26.81
N ARG A 127 10.24 18.43 26.66
CA ARG A 127 9.41 17.86 27.74
C ARG A 127 9.55 16.36 27.66
N SER A 128 9.45 15.67 28.79
CA SER A 128 9.58 14.21 28.84
C SER A 128 8.59 13.62 29.79
N LEU A 129 7.92 12.54 29.41
CA LEU A 129 7.13 11.76 30.37
C LEU A 129 8.06 11.19 31.41
N THR A 130 7.48 10.56 32.43
CA THR A 130 8.20 9.86 33.48
C THR A 130 7.45 8.59 33.86
N PRO A 131 8.18 7.60 34.41
CA PRO A 131 7.65 6.24 34.61
C PRO A 131 6.49 6.09 35.55
N CYS A 132 5.78 4.98 35.37
CA CYS A 132 4.60 4.60 36.16
C CYS A 132 4.99 4.02 37.52
N THR A 133 5.07 4.91 38.53
CA THR A 133 5.48 4.55 39.89
C THR A 133 4.56 3.55 40.60
N CYS A 134 3.25 3.81 40.58
CA CYS A 134 2.27 3.01 41.34
C CYS A 134 2.11 1.57 40.84
N GLY A 135 1.59 1.39 39.62
CA GLY A 135 1.37 0.07 39.06
C GLY A 135 -0.10 -0.28 38.91
N SER A 136 -0.74 0.32 37.91
CA SER A 136 -2.13 -0.01 37.56
C SER A 136 -2.21 -1.12 36.49
N SER A 137 -3.29 -1.88 36.48
CA SER A 137 -3.57 -2.81 35.40
C SER A 137 -4.47 -2.18 34.35
N ASP A 138 -4.88 -0.94 34.59
CA ASP A 138 -5.69 -0.19 33.64
C ASP A 138 -4.79 0.74 32.88
N LEU A 139 -4.71 0.54 31.57
CA LEU A 139 -3.74 1.26 30.74
C LEU A 139 -4.43 1.98 29.62
N TYR A 140 -3.75 2.95 29.05
CA TYR A 140 -4.32 3.76 27.99
C TYR A 140 -3.26 4.01 26.93
N LEU A 141 -3.52 3.51 25.73
CA LEU A 141 -2.59 3.63 24.64
C LEU A 141 -2.90 4.87 23.83
N VAL A 142 -1.89 5.67 23.54
CA VAL A 142 -2.08 6.85 22.70
C VAL A 142 -1.62 6.57 21.28
N THR A 143 -2.53 6.80 20.33
CA THR A 143 -2.29 6.50 18.91
C THR A 143 -1.87 7.75 18.18
N ARG A 144 -1.32 7.59 16.98
CA ARG A 144 -0.99 8.74 16.15
C ARG A 144 -2.19 9.62 15.75
N HIS A 145 -3.39 9.11 15.97
CA HIS A 145 -4.60 9.87 15.66
C HIS A 145 -5.04 10.68 16.84
N ALA A 146 -4.36 10.48 17.98
CA ALA A 146 -4.64 11.20 19.22
C ALA A 146 -5.83 10.59 19.95
N ASP A 147 -6.19 9.34 19.61
CA ASP A 147 -7.15 8.59 20.41
C ASP A 147 -6.43 7.96 21.57
N VAL A 148 -7.18 7.71 22.64
CA VAL A 148 -6.68 7.09 23.84
C VAL A 148 -7.47 5.79 24.05
N ILE A 149 -6.78 4.67 23.97
CA ILE A 149 -7.43 3.37 23.83
C ILE A 149 -7.19 2.56 25.08
N PRO A 150 -8.27 2.20 25.81
CA PRO A 150 -8.06 1.46 27.04
C PRO A 150 -7.49 0.06 26.80
N VAL A 151 -6.53 -0.29 27.63
CA VAL A 151 -5.84 -1.57 27.51
C VAL A 151 -5.74 -2.20 28.89
N ARG A 152 -6.03 -3.49 28.94
CA ARG A 152 -5.92 -4.29 30.18
C ARG A 152 -4.56 -4.99 30.24
N ARG A 153 -3.70 -4.56 31.16
CA ARG A 153 -2.37 -5.18 31.26
C ARG A 153 -2.50 -6.66 31.60
N ARG A 154 -1.75 -7.50 30.88
CA ARG A 154 -1.79 -8.95 31.07
C ARG A 154 -0.41 -9.56 31.11
N GLY A 155 0.55 -8.86 31.71
CA GLY A 155 1.92 -9.33 31.79
C GLY A 155 2.88 -8.17 31.75
N ASP A 156 4.18 -8.47 31.72
CA ASP A 156 5.20 -7.43 31.77
C ASP A 156 5.20 -6.54 30.53
N SER A 157 4.87 -7.10 29.38
CA SER A 157 5.01 -6.36 28.13
C SER A 157 3.82 -6.56 27.20
N ARG A 158 2.69 -7.02 27.77
CA ARG A 158 1.53 -7.39 26.98
C ARG A 158 0.27 -6.81 27.65
N GLY A 159 -0.72 -6.46 26.82
CA GLY A 159 -2.00 -6.00 27.32
C GLY A 159 -3.14 -6.23 26.33
N SER A 160 -4.32 -6.53 26.87
CA SER A 160 -5.52 -6.80 26.09
C SER A 160 -6.26 -5.52 25.72
N LEU A 161 -6.70 -5.43 24.47
CA LEU A 161 -7.63 -4.37 24.04
C LEU A 161 -9.04 -4.69 24.54
N LEU A 162 -9.69 -3.75 25.22
CA LEU A 162 -11.07 -3.93 25.68
C LEU A 162 -12.02 -4.08 24.49
N SER A 163 -11.79 -3.32 23.42
CA SER A 163 -12.54 -3.41 22.17
C SER A 163 -11.62 -3.74 21.00
N PRO A 164 -11.59 -5.00 20.56
CA PRO A 164 -10.83 -5.41 19.39
C PRO A 164 -11.02 -4.56 18.13
N ARG A 165 -9.94 -4.33 17.37
CA ARG A 165 -9.94 -3.44 16.21
C ARG A 165 -9.11 -3.99 15.05
N PRO A 166 -9.46 -3.63 13.82
CA PRO A 166 -8.53 -3.94 12.73
C PRO A 166 -7.13 -3.41 13.05
N VAL A 167 -6.09 -4.17 12.73
CA VAL A 167 -4.71 -3.72 12.97
C VAL A 167 -4.32 -2.50 12.18
N SER A 168 -4.96 -2.29 11.02
CA SER A 168 -4.76 -1.08 10.22
C SER A 168 -4.97 0.19 11.04
N TYR A 169 -5.92 0.18 11.97
CA TYR A 169 -6.16 1.32 12.84
C TYR A 169 -4.96 1.61 13.77
N LEU A 170 -4.11 0.63 14.02
CA LEU A 170 -2.97 0.81 14.91
C LEU A 170 -1.66 1.12 14.20
N LYS A 171 -1.62 0.96 12.88
CA LYS A 171 -0.37 1.18 12.17
C LYS A 171 -0.02 2.66 12.19
N GLY A 172 1.27 2.94 12.27
CA GLY A 172 1.76 4.28 12.45
C GLY A 172 1.78 4.66 13.91
N SER A 173 1.35 3.78 14.81
CA SER A 173 1.30 4.14 16.23
C SER A 173 2.45 3.54 17.02
N SER A 174 3.32 2.74 16.39
CA SER A 174 4.43 2.21 17.13
C SER A 174 5.29 3.36 17.67
N GLY A 175 5.75 3.21 18.91
CA GLY A 175 6.54 4.22 19.56
C GLY A 175 5.73 5.13 20.49
N GLY A 176 4.41 5.04 20.41
CA GLY A 176 3.53 5.84 21.26
C GLY A 176 3.42 5.25 22.64
N PRO A 177 3.06 6.07 23.65
CA PRO A 177 2.99 5.58 25.02
C PRO A 177 1.77 4.76 25.36
N LEU A 178 2.00 3.81 26.25
CA LEU A 178 0.98 3.24 27.11
C LEU A 178 1.12 4.00 28.42
N LEU A 179 0.04 4.65 28.84
CA LEU A 179 -0.02 5.40 30.07
C LEU A 179 -0.85 4.69 31.15
N CYS A 180 -0.45 4.88 32.41
CA CYS A 180 -1.28 4.55 33.57
C CYS A 180 -2.21 5.74 33.83
N PRO A 181 -3.24 5.56 34.68
CA PRO A 181 -4.21 6.64 34.97
C PRO A 181 -3.61 7.99 35.42
N SER A 182 -2.43 7.98 36.02
CA SER A 182 -1.78 9.22 36.41
C SER A 182 -1.09 9.90 35.24
N GLY A 183 -1.13 9.29 34.05
CA GLY A 183 -0.48 9.87 32.87
C GLY A 183 1.01 9.60 32.86
N HIS A 184 1.43 8.61 33.63
CA HIS A 184 2.83 8.19 33.66
C HIS A 184 3.03 6.96 32.79
N ALA A 185 4.19 6.91 32.14
CA ALA A 185 4.48 5.90 31.12
C ALA A 185 4.80 4.50 31.67
N VAL A 186 4.02 3.53 31.19
CA VAL A 186 4.24 2.09 31.44
C VAL A 186 5.22 1.50 30.40
N GLY A 187 5.19 2.06 29.20
CA GLY A 187 6.04 1.54 28.13
C GLY A 187 5.65 2.11 26.78
N ILE A 188 6.37 1.69 25.74
CA ILE A 188 6.02 2.12 24.40
C ILE A 188 5.57 0.99 23.49
N PHE A 189 4.54 1.32 22.72
CA PHE A 189 3.89 0.40 21.81
C PHE A 189 4.86 -0.08 20.74
N ARG A 190 4.93 -1.39 20.53
CA ARG A 190 5.75 -1.91 19.43
C ARG A 190 5.08 -2.86 18.44
N ALA A 191 4.06 -3.58 18.86
CA ALA A 191 3.40 -4.54 17.98
C ALA A 191 2.00 -4.91 18.45
N ALA A 192 1.16 -5.28 17.51
CA ALA A 192 -0.18 -5.81 17.82
C ALA A 192 -0.19 -7.34 17.72
N VAL A 193 -0.96 -8.01 18.57
CA VAL A 193 -1.23 -9.44 18.46
C VAL A 193 -2.56 -9.61 17.71
N CYS A 194 -2.51 -10.30 16.56
CA CYS A 194 -3.65 -10.37 15.64
C CYS A 194 -4.19 -11.75 15.35
N THR A 195 -5.52 -11.82 15.27
CA THR A 195 -6.25 -12.99 14.79
C THR A 195 -6.91 -12.60 13.46
N ARG A 196 -6.42 -13.15 12.35
CA ARG A 196 -6.97 -12.87 11.02
C ARG A 196 -7.21 -11.37 10.78
N GLY A 197 -6.19 -10.56 11.06
CA GLY A 197 -6.27 -9.11 10.82
C GLY A 197 -6.98 -8.28 11.88
N VAL A 198 -7.38 -8.88 12.98
CA VAL A 198 -8.02 -8.14 14.06
C VAL A 198 -7.10 -8.13 15.29
N ALA A 199 -6.78 -6.93 15.77
CA ALA A 199 -5.93 -6.78 16.92
C ALA A 199 -6.75 -6.98 18.17
N LYS A 200 -6.39 -7.99 18.95
CA LYS A 200 -7.02 -8.23 20.24
C LYS A 200 -6.14 -7.80 21.43
N ALA A 201 -4.83 -7.72 21.22
CA ALA A 201 -3.89 -7.32 22.27
C ALA A 201 -2.73 -6.52 21.67
N VAL A 202 -1.89 -5.96 22.56
CA VAL A 202 -0.75 -5.14 22.16
C VAL A 202 0.49 -5.49 22.95
N ASP A 203 1.63 -5.42 22.26
CA ASP A 203 2.94 -5.62 22.85
C ASP A 203 3.63 -4.29 22.98
N PHE A 204 4.27 -4.08 24.12
CA PHE A 204 5.04 -2.86 24.34
C PHE A 204 6.39 -3.13 25.01
N VAL A 205 7.32 -2.19 24.85
CA VAL A 205 8.58 -2.20 25.58
C VAL A 205 8.38 -1.57 26.97
N PRO A 206 8.48 -2.38 28.04
CA PRO A 206 8.34 -1.87 29.39
C PRO A 206 9.29 -0.74 29.69
N VAL A 207 8.80 0.22 30.47
CA VAL A 207 9.65 1.30 30.92
C VAL A 207 10.88 0.77 31.72
N GLU A 208 10.75 -0.40 32.33
CA GLU A 208 11.89 -1.04 33.01
C GLU A 208 13.01 -1.49 32.07
N SER A 209 12.66 -1.94 30.86
CA SER A 209 13.67 -2.26 29.85
C SER A 209 14.45 -1.01 29.43
N MET A 210 13.81 0.17 29.53
CA MET A 210 14.45 1.44 29.20
C MET A 210 15.37 1.99 30.30
N GLU A 211 14.96 1.85 31.56
CA GLU A 211 15.70 2.48 32.68
C GLU A 211 17.04 1.78 32.96
N THR A 212 17.13 0.50 32.59
CA THR A 212 18.39 -0.22 32.52
C THR A 212 19.39 0.50 31.62
N THR A 213 18.93 0.66 30.37
CA THR A 213 19.77 1.12 29.29
C THR A 213 20.30 2.50 29.67
N MET A 214 19.44 3.33 30.26
CA MET A 214 19.84 4.66 30.70
C MET A 214 21.05 4.60 31.65
N ARG A 215 21.01 3.65 32.57
CA ARG A 215 22.02 3.51 33.61
C ARG A 215 23.30 2.82 33.14
N SER A 216 23.22 2.09 32.02
CA SER A 216 24.33 1.22 31.56
C SER A 216 25.27 1.91 30.53
N PRO A 217 26.46 1.31 30.26
CA PRO A 217 27.37 1.83 29.24
C PRO A 217 26.80 1.91 27.79
N VAL A 218 27.06 3.05 27.15
CA VAL A 218 26.59 3.33 25.80
C VAL A 218 27.37 2.54 24.73
N PHE A 219 28.65 2.26 25.01
CA PHE A 219 29.52 1.64 24.02
C PHE A 219 29.83 0.17 24.42
N THR A 220 29.95 -0.69 23.42
CA THR A 220 30.46 -2.07 23.61
C THR A 220 31.63 -2.33 22.64
N ASP A 221 32.61 -3.09 23.10
CA ASP A 221 33.70 -3.49 22.23
C ASP A 221 33.68 -5.00 22.12
N ASN A 222 33.47 -5.46 20.91
CA ASN A 222 33.46 -6.87 20.60
C ASN A 222 34.45 -7.15 19.49
N SER A 223 35.50 -6.31 19.40
CA SER A 223 36.48 -6.38 18.32
C SER A 223 37.55 -7.44 18.55
N SER A 224 37.66 -7.96 19.76
CA SER A 224 38.69 -8.96 20.06
C SER A 224 38.01 -10.29 20.31
N PRO A 225 38.64 -11.39 19.86
CA PRO A 225 38.10 -12.69 20.23
C PRO A 225 38.09 -12.91 21.73
N PRO A 226 36.98 -13.42 22.25
CA PRO A 226 36.90 -13.60 23.69
C PRO A 226 37.80 -14.69 24.22
N ALA A 227 38.23 -14.54 25.46
CA ALA A 227 38.97 -15.57 26.18
C ALA A 227 38.02 -16.72 26.44
N VAL A 228 38.56 -17.94 26.46
CA VAL A 228 37.74 -19.10 26.73
C VAL A 228 37.32 -19.04 28.20
N PRO A 229 36.01 -19.04 28.46
CA PRO A 229 35.59 -18.96 29.84
C PRO A 229 35.57 -20.33 30.48
N GLN A 230 35.46 -20.32 31.80
CA GLN A 230 35.42 -21.55 32.60
C GLN A 230 34.16 -22.38 32.37
N SER A 231 33.03 -21.72 32.19
CA SER A 231 31.77 -22.40 31.87
C SER A 231 31.10 -21.76 30.64
N PHE A 232 30.16 -22.50 30.06
CA PHE A 232 29.58 -22.17 28.77
C PHE A 232 29.15 -20.73 28.68
N GLN A 233 29.57 -20.05 27.62
CA GLN A 233 29.03 -18.74 27.32
C GLN A 233 28.95 -18.55 25.81
N VAL A 234 28.06 -17.64 25.40
CA VAL A 234 27.91 -17.23 24.01
C VAL A 234 28.47 -15.84 23.95
N ALA A 235 29.33 -15.57 22.99
CA ALA A 235 29.94 -14.27 22.86
C ALA A 235 29.89 -13.81 21.41
N HIS A 236 30.00 -12.51 21.23
CA HIS A 236 29.99 -11.86 19.93
C HIS A 236 31.37 -11.35 19.56
N LEU A 237 31.72 -11.53 18.28
CA LEU A 237 32.93 -10.98 17.71
C LEU A 237 32.54 -10.18 16.49
N HIS A 238 32.71 -8.86 16.62
CA HIS A 238 32.47 -7.94 15.54
C HIS A 238 33.80 -7.40 15.07
N ALA A 239 34.22 -7.82 13.89
CA ALA A 239 35.51 -7.44 13.38
C ALA A 239 35.50 -7.59 11.89
N PRO A 240 36.30 -6.78 11.20
CA PRO A 240 36.25 -6.76 9.74
C PRO A 240 36.70 -8.07 9.08
N THR A 241 36.23 -8.29 7.85
CA THR A 241 36.80 -9.27 6.96
C THR A 241 38.28 -8.92 6.85
N GLY A 242 39.15 -9.90 7.02
CA GLY A 242 40.58 -9.64 6.93
C GLY A 242 41.28 -9.51 8.27
N SER A 243 40.52 -9.33 9.35
CA SER A 243 41.07 -9.52 10.68
C SER A 243 41.27 -11.02 11.02
N GLY A 244 40.97 -11.93 10.09
CA GLY A 244 41.17 -13.37 10.32
C GLY A 244 40.20 -14.06 11.25
N LYS A 245 38.96 -13.56 11.32
CA LYS A 245 37.91 -14.21 12.11
C LYS A 245 37.80 -15.72 11.88
N SER A 246 38.03 -16.13 10.63
CA SER A 246 37.87 -17.54 10.28
C SER A 246 39.21 -18.31 10.18
N THR A 247 40.34 -17.61 10.24
CA THR A 247 41.66 -18.29 10.14
C THR A 247 42.50 -18.04 11.38
N LYS A 248 42.91 -16.77 11.55
CA LYS A 248 43.77 -16.36 12.65
C LYS A 248 43.19 -16.76 13.99
N VAL A 249 41.91 -16.50 14.24
CA VAL A 249 41.41 -16.72 15.62
C VAL A 249 41.14 -18.17 16.01
N PRO A 250 40.61 -19.01 15.08
CA PRO A 250 40.62 -20.44 15.43
C PRO A 250 42.00 -21.06 15.60
N ALA A 251 42.97 -20.59 14.80
CA ALA A 251 44.37 -21.03 14.92
C ALA A 251 44.95 -20.64 16.27
N ALA A 252 44.73 -19.40 16.69
CA ALA A 252 45.18 -18.93 18.01
C ALA A 252 44.52 -19.75 19.12
N TYR A 253 43.24 -20.06 18.98
CA TYR A 253 42.58 -20.91 19.98
C TYR A 253 43.17 -22.34 19.99
N ALA A 254 43.43 -22.88 18.81
CA ALA A 254 44.04 -24.21 18.68
C ALA A 254 45.41 -24.23 19.36
N ALA A 255 46.16 -23.14 19.19
CA ALA A 255 47.49 -22.98 19.80
C ALA A 255 47.46 -22.96 21.32
N GLN A 256 46.29 -22.80 21.91
CA GLN A 256 46.10 -22.84 23.37
C GLN A 256 45.51 -24.18 23.80
N GLY A 257 45.53 -25.17 22.93
CA GLY A 257 45.05 -26.52 23.24
C GLY A 257 43.55 -26.74 23.14
N TYR A 258 42.81 -25.83 22.51
CA TYR A 258 41.34 -26.02 22.38
C TYR A 258 40.94 -26.68 21.06
N LYS A 259 39.86 -27.44 21.09
CA LYS A 259 39.25 -27.99 19.86
C LYS A 259 38.16 -27.02 19.36
N VAL A 260 38.33 -26.56 18.12
CA VAL A 260 37.51 -25.52 17.54
C VAL A 260 36.73 -26.01 16.30
N LEU A 261 35.42 -25.75 16.26
CA LEU A 261 34.60 -25.93 15.06
C LEU A 261 34.25 -24.57 14.46
N VAL A 262 34.57 -24.38 13.18
CA VAL A 262 34.26 -23.18 12.44
C VAL A 262 33.18 -23.43 11.39
N LEU A 263 32.05 -22.74 11.54
CA LEU A 263 30.91 -22.85 10.64
C LEU A 263 30.82 -21.62 9.75
N ASN A 264 30.55 -21.85 8.46
CA ASN A 264 30.42 -20.79 7.50
C ASN A 264 29.29 -21.15 6.48
N PRO A 265 28.56 -20.14 5.96
CA PRO A 265 27.50 -20.47 4.98
C PRO A 265 27.99 -21.01 3.62
N SER A 266 29.17 -20.61 3.21
CA SER A 266 29.70 -20.92 1.88
C SER A 266 30.64 -22.15 1.88
N VAL A 267 30.40 -23.08 0.98
CA VAL A 267 31.36 -24.13 0.65
C VAL A 267 32.74 -23.57 0.22
N ALA A 268 32.74 -22.63 -0.71
CA ALA A 268 33.98 -22.06 -1.23
C ALA A 268 34.79 -21.34 -0.13
N ALA A 269 34.10 -20.62 0.76
CA ALA A 269 34.82 -19.98 1.85
C ALA A 269 35.40 -21.02 2.81
N THR A 270 34.59 -22.03 3.11
CA THR A 270 34.98 -23.11 4.01
C THR A 270 36.21 -23.86 3.50
N LEU A 271 36.17 -24.26 2.23
CA LEU A 271 37.31 -24.92 1.62
C LEU A 271 38.53 -24.00 1.58
N GLY A 272 38.29 -22.74 1.21
CA GLY A 272 39.32 -21.70 1.23
C GLY A 272 40.01 -21.50 2.58
N PHE A 273 39.25 -21.49 3.67
CA PHE A 273 39.86 -21.36 4.99
C PHE A 273 40.70 -22.57 5.36
N GLY A 274 40.13 -23.75 5.13
CA GLY A 274 40.81 -25.01 5.37
C GLY A 274 42.18 -25.02 4.71
N ALA A 275 42.21 -24.60 3.46
CA ALA A 275 43.42 -24.66 2.65
C ALA A 275 44.43 -23.63 3.13
N TYR A 276 43.95 -22.41 3.39
CA TYR A 276 44.79 -21.39 3.96
C TYR A 276 45.40 -21.84 5.29
N MET A 277 44.62 -22.52 6.11
CA MET A 277 45.11 -22.91 7.43
C MET A 277 46.31 -23.85 7.30
N SER A 278 46.23 -24.82 6.39
CA SER A 278 47.32 -25.76 6.22
C SER A 278 48.57 -25.11 5.63
N LYS A 279 48.37 -24.20 4.68
CA LYS A 279 49.48 -23.47 4.08
C LYS A 279 50.10 -22.44 5.02
N ALA A 280 49.27 -21.61 5.66
CA ALA A 280 49.76 -20.53 6.52
C ALA A 280 50.04 -20.96 7.97
N HIS A 281 49.01 -21.33 8.73
CA HIS A 281 49.16 -21.55 10.18
C HIS A 281 49.58 -22.96 10.59
N GLY A 282 50.04 -23.79 9.65
CA GLY A 282 50.60 -25.11 9.97
C GLY A 282 49.70 -26.11 10.70
N ILE A 283 48.43 -26.16 10.31
CA ILE A 283 47.47 -27.16 10.80
C ILE A 283 46.71 -27.71 9.58
N ASP A 284 46.49 -29.03 9.53
CA ASP A 284 45.70 -29.67 8.47
C ASP A 284 44.33 -30.06 9.00
N PRO A 285 43.34 -29.15 8.86
CA PRO A 285 42.10 -29.29 9.63
C PRO A 285 41.14 -30.32 9.07
N ASN A 286 40.23 -30.78 9.90
CA ASN A 286 39.12 -31.56 9.37
C ASN A 286 38.33 -30.62 8.48
N ILE A 287 37.83 -31.14 7.36
CA ILE A 287 36.96 -30.37 6.45
C ILE A 287 35.68 -31.16 6.24
N ARG A 288 34.52 -30.49 6.39
CA ARG A 288 33.22 -31.12 6.25
C ARG A 288 32.31 -30.28 5.34
N THR A 289 32.13 -30.74 4.10
CA THR A 289 31.23 -30.13 3.13
C THR A 289 30.63 -31.24 2.25
N GLY A 290 29.55 -30.90 1.53
CA GLY A 290 28.95 -31.82 0.55
C GLY A 290 29.97 -32.40 -0.42
N VAL A 291 30.72 -31.53 -1.08
CA VAL A 291 31.62 -31.92 -2.15
C VAL A 291 32.93 -32.50 -1.62
N ARG A 292 33.31 -32.19 -0.39
CA ARG A 292 34.59 -32.64 0.10
C ARG A 292 34.62 -32.71 1.63
N THR A 293 34.77 -33.94 2.12
CA THR A 293 34.84 -34.25 3.52
C THR A 293 36.18 -34.97 3.79
N ILE A 294 36.94 -34.44 4.76
CA ILE A 294 38.27 -34.98 5.13
C ILE A 294 38.43 -35.01 6.65
N THR A 295 38.75 -36.18 7.19
CA THR A 295 39.12 -36.31 8.61
C THR A 295 40.63 -36.54 8.79
N THR A 296 41.31 -35.59 9.40
CA THR A 296 42.72 -35.69 9.75
C THR A 296 42.99 -35.86 11.25
N GLY A 297 41.97 -35.77 12.08
CA GLY A 297 42.17 -35.78 13.54
C GLY A 297 42.74 -34.50 14.15
N ALA A 298 42.97 -33.48 13.34
CA ALA A 298 43.33 -32.15 13.84
C ALA A 298 42.30 -31.60 14.84
N PRO A 299 42.70 -30.61 15.65
CA PRO A 299 41.78 -30.02 16.62
C PRO A 299 40.96 -28.83 16.04
N VAL A 300 41.21 -28.44 14.78
CA VAL A 300 40.33 -27.50 14.08
C VAL A 300 39.51 -28.26 13.03
N THR A 301 38.24 -27.87 12.86
CA THR A 301 37.36 -28.41 11.84
C THR A 301 36.63 -27.25 11.16
N TYR A 302 36.63 -27.24 9.82
CA TYR A 302 35.85 -26.28 9.07
C TYR A 302 34.65 -27.01 8.47
N SER A 303 33.45 -26.50 8.71
CA SER A 303 32.20 -27.05 8.14
C SER A 303 31.28 -25.91 7.65
N THR A 304 30.46 -26.21 6.68
CA THR A 304 29.34 -25.35 6.34
C THR A 304 28.22 -25.64 7.34
N TYR A 305 27.30 -24.71 7.51
CA TYR A 305 26.13 -24.96 8.37
C TYR A 305 25.27 -26.11 7.83
N GLY A 306 25.15 -26.22 6.50
CA GLY A 306 24.35 -27.31 5.95
C GLY A 306 24.91 -28.69 6.29
N LYS A 307 26.23 -28.85 6.15
CA LYS A 307 26.83 -30.17 6.42
C LYS A 307 26.69 -30.50 7.88
N PHE A 308 26.92 -29.48 8.72
CA PHE A 308 26.75 -29.60 10.17
C PHE A 308 25.34 -30.03 10.53
N LEU A 309 24.33 -29.43 9.90
CA LEU A 309 22.96 -29.90 10.06
C LEU A 309 22.75 -31.33 9.56
N ALA A 310 23.23 -31.65 8.36
CA ALA A 310 23.14 -33.02 7.82
C ALA A 310 23.86 -34.04 8.71
N ASP A 311 24.98 -33.64 9.31
CA ASP A 311 25.68 -34.48 10.31
C ASP A 311 24.88 -34.70 11.61
N GLY A 312 23.78 -33.97 11.81
CA GLY A 312 22.97 -34.13 12.99
C GLY A 312 23.37 -33.21 14.14
N GLY A 313 24.11 -32.14 13.85
CA GLY A 313 24.35 -31.11 14.87
C GLY A 313 25.56 -31.41 15.74
N CYS A 314 25.55 -30.97 16.99
CA CYS A 314 26.70 -31.16 17.87
C CYS A 314 26.81 -32.61 18.33
N SER A 315 27.98 -33.21 18.14
CA SER A 315 28.27 -34.55 18.67
C SER A 315 29.03 -34.38 20.00
N GLY A 316 28.62 -35.12 21.03
CA GLY A 316 29.11 -34.93 22.40
C GLY A 316 30.63 -34.93 22.58
N GLY A 317 31.13 -33.91 23.26
CA GLY A 317 32.55 -33.83 23.60
C GLY A 317 33.50 -33.55 22.47
N ALA A 318 33.01 -33.21 21.27
CA ALA A 318 33.89 -33.03 20.13
C ALA A 318 34.60 -31.67 20.11
N TYR A 319 33.96 -30.62 20.64
CA TYR A 319 34.56 -29.28 20.53
C TYR A 319 34.44 -28.47 21.81
N ASP A 320 35.45 -27.64 22.05
CA ASP A 320 35.41 -26.68 23.14
C ASP A 320 34.81 -25.36 22.67
N ILE A 321 35.06 -25.01 21.41
CA ILE A 321 34.72 -23.71 20.84
C ILE A 321 34.03 -23.92 19.48
N ILE A 322 32.89 -23.25 19.27
CA ILE A 322 32.20 -23.24 17.97
C ILE A 322 32.12 -21.81 17.50
N ILE A 323 32.73 -21.52 16.36
CA ILE A 323 32.67 -20.22 15.77
C ILE A 323 31.56 -20.27 14.70
N CYS A 324 30.49 -19.50 14.92
CA CYS A 324 29.42 -19.34 13.94
C CYS A 324 29.75 -18.10 13.16
N ASP A 325 30.45 -18.27 12.06
CA ASP A 325 30.90 -17.16 11.25
C ASP A 325 29.79 -16.70 10.26
N GLU A 326 29.92 -15.46 9.82
CA GLU A 326 28.92 -14.78 8.99
C GLU A 326 27.54 -14.90 9.60
N CYS A 327 27.47 -14.61 10.90
CA CYS A 327 26.27 -14.85 11.66
C CYS A 327 25.19 -13.75 11.45
N HIS A 328 25.50 -12.79 10.58
CA HIS A 328 24.52 -11.86 10.01
C HIS A 328 23.65 -12.51 8.92
N SER A 329 24.08 -13.64 8.38
CA SER A 329 23.34 -14.27 7.28
C SER A 329 21.95 -14.72 7.76
N THR A 330 20.95 -14.44 6.93
CA THR A 330 19.53 -14.75 7.25
C THR A 330 18.95 -15.71 6.22
N ASP A 331 19.82 -16.44 5.54
CA ASP A 331 19.35 -17.64 4.84
C ASP A 331 18.94 -18.69 5.91
N SER A 332 18.01 -19.55 5.53
CA SER A 332 17.41 -20.48 6.47
C SER A 332 18.38 -21.54 7.02
N THR A 333 19.33 -21.97 6.20
CA THR A 333 20.36 -22.93 6.64
C THR A 333 21.20 -22.35 7.80
N THR A 334 21.63 -21.10 7.65
CA THR A 334 22.43 -20.45 8.68
C THR A 334 21.64 -20.32 9.97
N ILE A 335 20.40 -19.88 9.84
CA ILE A 335 19.57 -19.60 11.02
C ILE A 335 19.33 -20.89 11.77
N LEU A 336 19.04 -21.94 11.02
CA LEU A 336 18.76 -23.25 11.57
C LEU A 336 20.07 -23.83 12.12
N GLY A 337 21.18 -23.61 11.42
CA GLY A 337 22.49 -24.05 11.90
C GLY A 337 22.88 -23.42 13.24
N ILE A 338 22.82 -22.10 13.30
CA ILE A 338 23.12 -21.36 14.52
C ILE A 338 22.16 -21.73 15.64
N GLY A 339 20.88 -21.87 15.32
CA GLY A 339 19.90 -22.28 16.30
C GLY A 339 20.20 -23.64 16.90
N THR A 340 20.60 -24.58 16.06
CA THR A 340 21.08 -25.88 16.52
C THR A 340 22.31 -25.75 17.46
N VAL A 341 23.34 -25.03 17.05
CA VAL A 341 24.48 -24.78 17.95
C VAL A 341 24.04 -24.22 19.30
N LEU A 342 23.14 -23.22 19.28
CA LEU A 342 22.76 -22.55 20.51
C LEU A 342 21.93 -23.46 21.41
N ASP A 343 21.16 -24.36 20.81
CA ASP A 343 20.40 -25.32 21.61
C ASP A 343 21.22 -26.54 22.12
N GLN A 344 22.30 -26.91 21.46
CA GLN A 344 22.99 -28.20 21.73
C GLN A 344 24.37 -28.06 22.36
N ALA A 345 25.03 -26.94 22.10
CA ALA A 345 26.46 -26.81 22.38
C ALA A 345 26.87 -27.00 23.86
N GLU A 346 26.08 -26.50 24.80
CA GLU A 346 26.47 -26.58 26.22
C GLU A 346 26.38 -28.02 26.64
N THR A 347 25.25 -28.65 26.36
CA THR A 347 25.03 -30.07 26.68
C THR A 347 26.01 -30.99 25.96
N ALA A 348 26.54 -30.56 24.83
CA ALA A 348 27.57 -31.29 24.12
C ALA A 348 28.99 -31.03 24.66
N GLY A 349 29.09 -30.22 25.72
CA GLY A 349 30.38 -29.98 26.38
C GLY A 349 31.19 -28.78 25.95
N ALA A 350 30.65 -27.95 25.05
CA ALA A 350 31.40 -26.78 24.59
C ALA A 350 31.51 -25.74 25.70
N ARG A 351 32.60 -24.98 25.69
CA ARG A 351 32.78 -23.91 26.66
C ARG A 351 32.38 -22.56 26.07
N LEU A 352 32.47 -22.41 24.74
CA LEU A 352 32.33 -21.11 24.09
C LEU A 352 31.69 -21.21 22.68
N VAL A 353 30.65 -20.41 22.45
CA VAL A 353 30.11 -20.16 21.11
C VAL A 353 30.43 -18.73 20.76
N VAL A 354 31.02 -18.51 19.60
CA VAL A 354 31.38 -17.19 19.13
C VAL A 354 30.51 -16.88 17.92
N LEU A 355 29.69 -15.83 18.02
CA LEU A 355 28.84 -15.41 16.94
C LEU A 355 29.56 -14.31 16.20
N ALA A 356 30.04 -14.61 15.00
CA ALA A 356 31.01 -13.75 14.32
C ALA A 356 30.51 -13.11 13.04
N THR A 357 30.68 -11.79 12.95
CA THR A 357 30.33 -11.02 11.74
C THR A 357 31.01 -9.64 11.64
N ALA A 358 31.22 -9.17 10.43
CA ALA A 358 31.68 -7.79 10.26
C ALA A 358 30.50 -6.83 10.39
N THR A 359 29.28 -7.35 10.26
CA THR A 359 28.07 -6.52 10.11
C THR A 359 26.92 -6.98 10.99
N PRO A 360 27.00 -6.72 12.30
CA PRO A 360 26.00 -7.17 13.20
C PRO A 360 24.71 -6.30 13.06
N PRO A 361 23.61 -6.73 13.67
CA PRO A 361 22.37 -5.95 13.64
C PRO A 361 22.55 -4.53 14.18
N GLY A 362 22.00 -3.57 13.48
CA GLY A 362 22.14 -2.18 13.89
C GLY A 362 23.34 -1.51 13.27
N SER A 363 24.17 -2.26 12.55
CA SER A 363 25.37 -1.70 11.99
C SER A 363 24.99 -0.83 10.79
N VAL A 364 25.90 0.05 10.42
CA VAL A 364 25.69 1.07 9.40
C VAL A 364 26.96 1.07 8.55
N THR A 365 26.87 1.34 7.26
CA THR A 365 28.08 1.44 6.46
C THR A 365 28.75 2.77 6.79
N VAL A 366 30.04 2.71 7.14
CA VAL A 366 30.86 3.91 7.28
C VAL A 366 31.94 3.90 6.22
N PRO A 367 32.59 5.05 5.98
CA PRO A 367 33.65 5.09 4.98
C PRO A 367 34.77 4.08 5.20
N HIS A 368 35.25 3.52 4.10
CA HIS A 368 36.39 2.62 4.08
C HIS A 368 37.58 3.31 3.36
N PRO A 369 38.79 3.26 3.94
CA PRO A 369 39.91 4.11 3.46
C PRO A 369 40.46 3.70 2.10
N ASN A 370 40.53 2.40 1.87
CA ASN A 370 40.91 1.82 0.59
C ASN A 370 39.89 2.03 -0.53
N ILE A 371 38.68 2.53 -0.22
CA ILE A 371 37.59 2.52 -1.21
C ILE A 371 37.04 3.90 -1.52
N GLU A 372 37.19 4.32 -2.77
CA GLU A 372 36.63 5.58 -3.23
C GLU A 372 35.21 5.27 -3.71
N GLU A 373 34.25 5.98 -3.13
CA GLU A 373 32.84 5.75 -3.44
C GLU A 373 32.34 6.88 -4.33
N VAL A 374 31.83 6.54 -5.50
CA VAL A 374 31.36 7.52 -6.49
C VAL A 374 29.96 7.24 -7.04
N ALA A 375 29.04 8.18 -6.86
CA ALA A 375 27.69 8.06 -7.41
C ALA A 375 27.69 8.00 -8.93
N LEU A 376 27.00 7.01 -9.50
CA LEU A 376 26.69 7.00 -10.92
C LEU A 376 25.84 8.22 -11.27
N SER A 377 25.92 8.68 -12.51
CA SER A 377 25.06 9.76 -13.01
C SER A 377 24.34 9.23 -14.23
N ASN A 378 23.65 10.10 -14.97
CA ASN A 378 23.06 9.73 -16.24
C ASN A 378 24.06 9.73 -17.42
N THR A 379 25.29 10.15 -17.16
CA THR A 379 26.31 10.15 -18.20
C THR A 379 27.01 8.79 -18.30
N GLY A 380 27.03 8.22 -19.50
CA GLY A 380 27.63 6.93 -19.73
C GLY A 380 26.93 6.20 -20.85
N GLU A 381 27.65 5.27 -21.47
CA GLU A 381 27.15 4.52 -22.61
C GLU A 381 26.26 3.35 -22.20
N ILE A 382 26.37 2.92 -20.95
CA ILE A 382 25.72 1.67 -20.50
C ILE A 382 24.56 1.93 -19.55
N PRO A 383 23.32 1.66 -20.00
CA PRO A 383 22.22 1.92 -19.07
C PRO A 383 22.29 1.01 -17.86
N PHE A 384 22.13 1.59 -16.68
CA PHE A 384 22.21 0.82 -15.45
C PHE A 384 21.24 1.31 -14.38
N TYR A 385 20.11 0.63 -14.28
CA TYR A 385 19.10 0.88 -13.25
C TYR A 385 18.68 2.33 -13.18
N GLY A 386 18.34 2.89 -14.34
CA GLY A 386 17.96 4.29 -14.43
C GLY A 386 19.12 5.27 -14.49
N LYS A 387 20.35 4.78 -14.27
CA LYS A 387 21.53 5.62 -14.44
C LYS A 387 22.39 5.03 -15.53
N ALA A 388 23.70 5.22 -15.47
CA ALA A 388 24.56 4.89 -16.60
C ALA A 388 26.00 4.62 -16.16
N ILE A 389 26.63 3.64 -16.82
CA ILE A 389 28.04 3.32 -16.54
C ILE A 389 28.95 3.73 -17.73
N PRO A 390 29.90 4.65 -17.50
CA PRO A 390 30.89 4.97 -18.56
C PRO A 390 31.73 3.74 -18.92
N ILE A 391 31.87 3.46 -20.22
CA ILE A 391 32.65 2.28 -20.68
C ILE A 391 34.07 2.29 -20.10
N GLU A 392 34.68 3.47 -20.09
CA GLU A 392 36.02 3.66 -19.54
C GLU A 392 36.18 3.18 -18.10
N ALA A 393 35.09 3.21 -17.32
CA ALA A 393 35.16 2.75 -15.92
C ALA A 393 35.40 1.24 -15.80
N ILE A 394 35.05 0.50 -16.84
CA ILE A 394 35.08 -0.95 -16.78
C ILE A 394 35.91 -1.67 -17.86
N ARG A 395 36.55 -0.94 -18.77
CA ARG A 395 37.36 -1.62 -19.80
C ARG A 395 38.72 -2.09 -19.28
N GLY A 396 39.42 -1.22 -18.56
CA GLY A 396 40.69 -1.59 -17.97
C GLY A 396 40.52 -2.19 -16.58
N GLY A 397 40.57 -3.52 -16.49
CA GLY A 397 40.74 -4.19 -15.19
C GLY A 397 39.84 -5.39 -14.90
N ARG A 398 39.69 -5.67 -13.60
CA ARG A 398 38.79 -6.70 -13.10
C ARG A 398 37.67 -6.05 -12.27
N HIS A 399 36.42 -6.28 -12.69
CA HIS A 399 35.27 -5.53 -12.16
C HIS A 399 34.04 -6.38 -11.87
N LEU A 400 33.32 -5.99 -10.82
CA LEU A 400 32.13 -6.70 -10.36
C LEU A 400 30.90 -5.78 -10.36
N ILE A 401 29.92 -6.18 -11.16
CA ILE A 401 28.62 -5.50 -11.23
C ILE A 401 27.53 -6.36 -10.58
N PHE A 402 26.98 -5.88 -9.48
CA PHE A 402 25.86 -6.57 -8.84
C PHE A 402 24.52 -6.16 -9.45
N CYS A 403 23.81 -7.14 -10.00
CA CYS A 403 22.42 -6.97 -10.44
C CYS A 403 21.47 -7.79 -9.55
N HIS A 404 20.23 -7.31 -9.38
CA HIS A 404 19.23 -7.97 -8.51
C HIS A 404 18.70 -9.33 -9.04
N SER A 405 18.70 -9.53 -10.36
CA SER A 405 18.17 -10.78 -10.97
C SER A 405 19.06 -11.37 -12.03
N LYS A 406 18.81 -12.64 -12.35
CA LYS A 406 19.60 -13.34 -13.36
C LYS A 406 19.32 -12.78 -14.74
N LYS A 407 18.05 -12.50 -15.05
CA LYS A 407 17.68 -11.92 -16.33
C LYS A 407 18.56 -10.72 -16.61
N LYS A 408 18.62 -9.80 -15.65
CA LYS A 408 19.38 -8.58 -15.83
C LYS A 408 20.88 -8.88 -16.01
N CYS A 409 21.40 -9.82 -15.23
CA CYS A 409 22.79 -10.26 -15.40
C CYS A 409 23.04 -10.74 -16.85
N ASP A 410 22.11 -11.52 -17.38
CA ASP A 410 22.24 -12.01 -18.76
C ASP A 410 22.12 -10.90 -19.81
N GLU A 411 21.15 -10.02 -19.64
CA GLU A 411 20.95 -8.91 -20.58
C GLU A 411 22.09 -7.91 -20.57
N LEU A 412 22.73 -7.75 -19.42
CA LEU A 412 23.83 -6.81 -19.29
C LEU A 412 25.12 -7.40 -19.85
N ALA A 413 25.38 -8.67 -19.55
CA ALA A 413 26.55 -9.36 -20.10
C ALA A 413 26.47 -9.34 -21.62
N ALA A 414 25.31 -9.74 -22.14
CA ALA A 414 25.03 -9.74 -23.57
C ALA A 414 25.38 -8.40 -24.19
N LYS A 415 24.96 -7.32 -23.55
CA LYS A 415 25.26 -5.98 -24.04
C LYS A 415 26.77 -5.70 -23.98
N LEU A 416 27.40 -6.00 -22.85
CA LEU A 416 28.82 -5.69 -22.64
C LEU A 416 29.78 -6.41 -23.60
N SER A 417 29.53 -7.68 -23.86
CA SER A 417 30.31 -8.43 -24.84
C SER A 417 30.07 -7.82 -26.22
N GLY A 418 28.81 -7.50 -26.53
CA GLY A 418 28.46 -6.77 -27.75
C GLY A 418 29.34 -5.56 -27.97
N LEU A 419 29.55 -4.78 -26.92
CA LEU A 419 30.43 -3.61 -26.98
C LEU A 419 31.91 -3.98 -26.85
N GLY A 420 32.24 -5.26 -26.99
CA GLY A 420 33.64 -5.70 -26.94
C GLY A 420 34.26 -5.59 -25.57
N ILE A 421 33.69 -6.29 -24.60
CA ILE A 421 34.28 -6.43 -23.26
C ILE A 421 34.21 -7.88 -22.83
N ASN A 422 35.18 -8.33 -22.04
CA ASN A 422 35.13 -9.67 -21.49
C ASN A 422 34.18 -9.66 -20.30
N ALA A 423 32.95 -10.10 -20.56
CA ALA A 423 31.89 -10.06 -19.57
C ALA A 423 31.25 -11.43 -19.46
N VAL A 424 31.21 -11.95 -18.23
CA VAL A 424 30.53 -13.20 -17.94
C VAL A 424 29.48 -12.99 -16.83
N ALA A 425 28.45 -13.81 -16.87
CA ALA A 425 27.38 -13.76 -15.89
C ALA A 425 27.56 -14.86 -14.85
N TYR A 426 27.28 -14.56 -13.59
CA TYR A 426 27.21 -15.61 -12.57
C TYR A 426 26.02 -15.45 -11.61
N TYR A 427 25.27 -16.54 -11.46
CA TYR A 427 24.14 -16.59 -10.53
C TYR A 427 23.88 -18.05 -10.15
N ARG A 428 22.90 -18.30 -9.28
CA ARG A 428 22.61 -19.67 -8.83
C ARG A 428 22.23 -20.53 -10.04
N GLY A 429 22.75 -21.75 -10.07
CA GLY A 429 22.54 -22.66 -11.19
C GLY A 429 23.75 -22.80 -12.09
N LEU A 430 24.58 -21.76 -12.14
CA LEU A 430 25.79 -21.77 -12.97
C LEU A 430 26.98 -22.21 -12.15
N ASP A 431 28.03 -22.64 -12.84
CA ASP A 431 29.27 -23.06 -12.21
C ASP A 431 30.25 -21.89 -12.13
N VAL A 432 30.91 -21.71 -10.98
CA VAL A 432 31.99 -20.72 -10.88
C VAL A 432 33.15 -21.15 -11.77
N SER A 433 34.23 -20.38 -11.78
CA SER A 433 35.39 -20.67 -12.64
C SER A 433 35.09 -20.33 -14.09
N VAL A 434 33.80 -20.16 -14.42
CA VAL A 434 33.40 -19.38 -15.59
C VAL A 434 33.89 -17.94 -15.39
N ILE A 435 34.29 -17.62 -14.17
CA ILE A 435 35.03 -16.41 -13.83
C ILE A 435 36.55 -16.65 -13.98
N PRO A 436 37.22 -15.98 -14.93
CA PRO A 436 38.68 -16.03 -15.06
C PRO A 436 39.39 -15.70 -13.74
N THR A 437 40.66 -16.07 -13.59
CA THR A 437 41.20 -16.25 -12.24
C THR A 437 41.93 -15.09 -11.47
N ILE A 438 42.84 -14.24 -11.99
CA ILE A 438 43.73 -14.29 -13.19
C ILE A 438 43.35 -13.33 -14.33
N GLY A 439 42.59 -13.77 -15.33
CA GLY A 439 42.37 -12.99 -16.56
C GLY A 439 42.22 -11.46 -16.40
N ASP A 440 41.10 -10.92 -16.89
CA ASP A 440 40.84 -9.47 -16.91
C ASP A 440 39.41 -9.31 -17.41
N VAL A 441 38.50 -8.87 -16.53
CA VAL A 441 37.09 -9.21 -16.71
C VAL A 441 36.06 -8.27 -16.03
N VAL A 442 34.85 -8.24 -16.60
CA VAL A 442 33.66 -7.66 -15.94
C VAL A 442 32.70 -8.81 -15.62
N VAL A 443 32.57 -9.12 -14.33
CA VAL A 443 31.59 -10.12 -13.90
C VAL A 443 30.28 -9.43 -13.43
N VAL A 444 29.17 -9.89 -13.99
CA VAL A 444 27.85 -9.35 -13.69
C VAL A 444 27.09 -10.42 -12.90
N ALA A 445 26.78 -10.14 -11.63
CA ALA A 445 26.33 -11.21 -10.75
C ALA A 445 25.21 -10.81 -9.81
N THR A 446 24.50 -11.83 -9.34
CA THR A 446 23.58 -11.74 -8.22
C THR A 446 24.38 -11.98 -6.95
N ASP A 447 23.69 -11.95 -5.81
CA ASP A 447 24.32 -12.18 -4.51
C ASP A 447 24.88 -13.59 -4.32
N ALA A 448 24.42 -14.55 -5.14
CA ALA A 448 24.96 -15.91 -5.14
C ALA A 448 26.49 -15.92 -5.23
N LEU A 449 27.04 -14.91 -5.90
CA LEU A 449 28.49 -14.63 -5.96
C LEU A 449 29.21 -14.68 -4.61
N MET A 450 28.55 -14.23 -3.57
CA MET A 450 29.27 -14.08 -2.31
C MET A 450 29.48 -15.42 -1.60
N THR A 451 28.73 -16.45 -2.01
CA THR A 451 28.90 -17.80 -1.49
C THR A 451 29.53 -18.78 -2.48
N GLY A 452 29.60 -18.40 -3.76
CA GLY A 452 30.17 -19.26 -4.79
C GLY A 452 31.62 -18.94 -5.13
N TYR A 453 32.07 -17.75 -4.74
CA TYR A 453 33.37 -17.24 -5.18
C TYR A 453 33.93 -16.28 -4.14
N THR A 454 35.21 -16.41 -3.84
CA THR A 454 35.83 -15.68 -2.71
C THR A 454 36.71 -14.48 -3.10
N GLY A 455 37.00 -14.31 -4.39
CA GLY A 455 37.88 -13.24 -4.86
C GLY A 455 37.39 -11.80 -4.72
N ASP A 456 38.30 -10.86 -5.00
CA ASP A 456 38.03 -9.42 -4.91
C ASP A 456 38.33 -8.73 -6.25
N PHE A 457 38.10 -7.43 -6.35
CA PHE A 457 38.04 -6.74 -7.66
C PHE A 457 38.51 -5.29 -7.60
N ASP A 458 38.79 -4.73 -8.77
CA ASP A 458 39.37 -3.37 -8.87
C ASP A 458 38.30 -2.33 -8.52
N SER A 459 37.07 -2.58 -8.97
CA SER A 459 35.89 -1.83 -8.54
C SER A 459 34.66 -2.72 -8.41
N VAL A 460 33.71 -2.28 -7.60
CA VAL A 460 32.38 -2.88 -7.56
C VAL A 460 31.34 -1.83 -7.96
N ILE A 461 30.40 -2.28 -8.80
CA ILE A 461 29.27 -1.46 -9.25
C ILE A 461 27.99 -2.10 -8.70
N ASP A 462 27.22 -1.32 -7.93
CA ASP A 462 26.08 -1.85 -7.16
C ASP A 462 24.75 -1.24 -7.59
N CYS A 463 23.79 -2.09 -7.98
CA CYS A 463 22.43 -1.64 -8.27
C CYS A 463 21.69 -1.19 -7.01
N ASN A 464 22.22 -1.57 -5.83
CA ASN A 464 21.65 -1.19 -4.53
C ASN A 464 20.27 -1.76 -4.21
N THR A 465 19.83 -2.74 -4.99
CA THR A 465 18.57 -3.39 -4.70
C THR A 465 18.77 -4.90 -4.65
N CYS A 466 17.79 -5.57 -4.03
CA CYS A 466 17.82 -7.01 -3.73
C CYS A 466 16.44 -7.64 -3.94
N VAL A 467 16.44 -8.89 -4.39
CA VAL A 467 15.22 -9.68 -4.42
C VAL A 467 15.00 -10.32 -3.03
N THR A 468 13.78 -10.20 -2.53
CA THR A 468 13.46 -10.77 -1.25
C THR A 468 12.08 -11.42 -1.30
N GLN A 469 11.79 -12.22 -0.28
CA GLN A 469 10.48 -12.85 -0.19
C GLN A 469 9.80 -12.38 1.08
N THR A 470 8.50 -12.09 0.99
CA THR A 470 7.81 -11.71 2.17
C THR A 470 6.47 -12.44 2.26
N VAL A 471 6.05 -12.76 3.48
CA VAL A 471 4.80 -13.46 3.68
C VAL A 471 3.70 -12.40 3.86
N ASP A 472 2.59 -12.60 3.15
CA ASP A 472 1.36 -11.81 3.37
C ASP A 472 0.30 -12.81 3.90
N PHE A 473 -0.29 -12.55 5.06
CA PHE A 473 -1.35 -13.40 5.61
C PHE A 473 -2.68 -13.02 4.98
N SER A 474 -2.86 -13.43 3.72
CA SER A 474 -3.86 -12.86 2.81
C SER A 474 -5.25 -13.50 2.85
N LEU A 475 -5.36 -14.64 3.52
CA LEU A 475 -6.63 -15.34 3.73
C LEU A 475 -7.41 -15.67 2.43
N ASP A 476 -6.68 -15.92 1.34
CA ASP A 476 -7.26 -16.08 0.02
C ASP A 476 -6.80 -17.35 -0.70
N PRO A 477 -6.84 -18.51 -0.04
CA PRO A 477 -7.42 -18.84 1.25
C PRO A 477 -6.54 -18.74 2.48
N THR A 478 -5.22 -18.65 2.33
CA THR A 478 -4.35 -18.88 3.49
C THR A 478 -3.31 -17.77 3.57
N PHE A 479 -2.11 -18.06 3.04
CA PHE A 479 -1.06 -17.04 2.94
C PHE A 479 -0.48 -17.04 1.53
N THR A 480 0.34 -16.03 1.29
CA THR A 480 1.02 -15.81 0.04
C THR A 480 2.49 -15.52 0.39
N ILE A 481 3.40 -16.10 -0.40
CA ILE A 481 4.81 -15.73 -0.35
C ILE A 481 5.02 -14.97 -1.62
N GLU A 482 5.43 -13.72 -1.46
CA GLU A 482 5.55 -12.78 -2.58
C GLU A 482 7.03 -12.50 -2.79
N THR A 483 7.44 -12.48 -4.04
CA THR A 483 8.81 -12.11 -4.38
C THR A 483 8.78 -10.62 -4.74
N THR A 484 9.62 -9.83 -4.07
CA THR A 484 9.74 -8.41 -4.39
C THR A 484 11.21 -7.94 -4.53
N THR A 485 11.36 -6.80 -5.19
CA THR A 485 12.62 -6.09 -5.32
C THR A 485 12.59 -4.94 -4.36
N VAL A 486 13.55 -4.91 -3.43
CA VAL A 486 13.61 -3.91 -2.39
C VAL A 486 14.97 -3.22 -2.33
N PRO A 487 15.02 -1.99 -1.80
CA PRO A 487 16.31 -1.35 -1.50
C PRO A 487 17.16 -2.22 -0.60
N GLN A 488 18.48 -2.12 -0.76
CA GLN A 488 19.41 -2.99 -0.02
C GLN A 488 19.53 -2.51 1.39
N ASP A 489 19.92 -3.40 2.29
CA ASP A 489 20.18 -3.02 3.65
C ASP A 489 21.66 -2.88 3.87
N ALA A 490 22.04 -2.44 5.06
CA ALA A 490 23.42 -2.05 5.34
C ALA A 490 24.37 -3.24 5.29
N VAL A 491 23.85 -4.43 5.63
CA VAL A 491 24.60 -5.68 5.49
C VAL A 491 24.92 -5.90 4.02
N SER A 492 23.89 -5.82 3.17
CA SER A 492 24.05 -6.00 1.71
C SER A 492 25.05 -5.00 1.13
N ARG A 493 24.92 -3.74 1.51
CA ARG A 493 25.79 -2.69 0.99
C ARG A 493 27.26 -2.98 1.36
N SER A 494 27.51 -3.15 2.67
CA SER A 494 28.85 -3.48 3.18
C SER A 494 29.46 -4.72 2.52
N GLN A 495 28.66 -5.78 2.39
CA GLN A 495 29.13 -7.03 1.80
C GLN A 495 29.41 -6.90 0.30
N ARG A 496 28.56 -6.18 -0.42
CA ARG A 496 28.80 -5.92 -1.83
C ARG A 496 30.00 -4.98 -2.00
N ARG A 497 30.11 -3.96 -1.15
CA ARG A 497 31.26 -3.04 -1.23
C ARG A 497 32.59 -3.74 -0.83
N GLY A 498 32.50 -4.78 0.00
CA GLY A 498 33.67 -5.51 0.49
C GLY A 498 34.44 -6.33 -0.54
N ARG A 499 33.90 -6.44 -1.75
CA ARG A 499 34.57 -7.13 -2.84
C ARG A 499 35.57 -6.25 -3.63
N THR A 500 35.95 -5.11 -3.07
CA THR A 500 37.00 -4.29 -3.63
C THR A 500 37.67 -3.59 -2.46
N GLY A 501 38.88 -3.06 -2.66
CA GLY A 501 39.60 -2.39 -1.60
C GLY A 501 40.07 -3.35 -0.51
N ARG A 502 40.39 -4.58 -0.92
CA ARG A 502 40.99 -5.57 -0.03
C ARG A 502 42.51 -5.43 -0.12
N GLY A 503 43.12 -4.90 0.94
CA GLY A 503 44.58 -4.74 0.99
C GLY A 503 45.15 -3.66 0.08
N ARG A 504 44.36 -3.20 -0.89
CA ARG A 504 44.79 -2.23 -1.89
C ARG A 504 43.69 -1.19 -2.10
N ARG A 505 43.84 -0.33 -3.09
CA ARG A 505 42.85 0.70 -3.37
C ARG A 505 41.65 0.09 -4.09
N GLY A 506 40.45 0.60 -3.82
CA GLY A 506 39.23 0.10 -4.47
C GLY A 506 38.26 1.21 -4.85
N ILE A 507 37.39 0.92 -5.81
CA ILE A 507 36.37 1.89 -6.24
C ILE A 507 34.97 1.29 -6.17
N TYR A 508 34.07 1.96 -5.45
CA TYR A 508 32.67 1.49 -5.32
C TYR A 508 31.73 2.48 -6.00
N ARG A 509 31.08 2.05 -7.08
CA ARG A 509 30.09 2.87 -7.77
C ARG A 509 28.66 2.40 -7.44
N PHE A 510 27.75 3.35 -7.19
CA PHE A 510 26.37 3.03 -6.76
C PHE A 510 25.30 3.84 -7.48
N VAL A 511 24.11 3.26 -7.56
CA VAL A 511 22.94 3.94 -8.12
C VAL A 511 22.29 4.86 -7.09
N THR A 512 22.14 4.35 -5.87
CA THR A 512 21.55 5.09 -4.77
C THR A 512 22.42 5.02 -3.53
N PRO A 513 22.42 6.08 -2.70
CA PRO A 513 23.00 6.00 -1.35
C PRO A 513 22.03 5.34 -0.37
N GLY A 514 21.90 4.02 -0.43
CA GLY A 514 20.78 3.33 0.21
C GLY A 514 20.87 3.09 1.70
N GLU A 515 20.99 1.81 2.07
CA GLU A 515 20.86 1.31 3.44
C GLU A 515 19.47 1.47 4.08
N ARG A 516 18.58 0.50 3.82
CA ARG A 516 17.54 0.19 4.78
C ARG A 516 18.25 -0.35 6.02
N PRO A 517 17.57 -0.36 7.18
CA PRO A 517 18.26 -0.86 8.38
C PRO A 517 18.55 -2.38 8.35
N SER A 518 19.63 -2.76 9.00
CA SER A 518 20.14 -4.12 9.05
C SER A 518 19.59 -4.91 10.23
N GLY A 519 19.65 -6.23 10.10
CA GLY A 519 19.43 -7.14 11.20
C GLY A 519 18.00 -7.64 11.45
N MET A 520 17.09 -7.42 10.50
CA MET A 520 15.69 -7.87 10.62
C MET A 520 15.40 -8.85 9.50
N PHE A 521 14.68 -9.93 9.76
CA PHE A 521 14.28 -10.76 8.62
C PHE A 521 12.77 -11.07 8.63
N ASP A 522 12.27 -11.43 7.47
CA ASP A 522 10.84 -11.64 7.31
C ASP A 522 10.41 -13.01 7.86
N SER A 523 9.13 -13.09 8.22
CA SER A 523 8.48 -14.33 8.61
C SER A 523 8.57 -15.44 7.56
N SER A 524 8.65 -15.08 6.28
CA SER A 524 8.88 -16.07 5.22
C SER A 524 10.17 -16.87 5.45
N VAL A 525 11.19 -16.26 6.07
CA VAL A 525 12.41 -16.99 6.34
C VAL A 525 12.12 -18.08 7.38
N LEU A 526 11.23 -17.81 8.32
CA LEU A 526 10.89 -18.82 9.30
C LEU A 526 10.19 -19.99 8.60
N CYS A 527 9.22 -19.67 7.74
CA CYS A 527 8.61 -20.66 6.86
C CYS A 527 9.71 -21.50 6.20
N GLU A 528 10.72 -20.85 5.61
CA GLU A 528 11.80 -21.57 4.92
C GLU A 528 12.60 -22.54 5.80
N CYS A 529 12.80 -22.18 7.06
CA CYS A 529 13.43 -23.05 8.03
C CYS A 529 12.60 -24.31 8.31
N TYR A 530 11.29 -24.18 8.46
CA TYR A 530 10.47 -25.40 8.65
C TYR A 530 10.53 -26.30 7.40
N ASP A 531 10.49 -25.64 6.25
CA ASP A 531 10.54 -26.30 4.93
C ASP A 531 11.85 -27.07 4.79
N ALA A 532 12.96 -26.41 5.14
CA ALA A 532 14.27 -27.02 5.06
C ALA A 532 14.42 -28.14 6.09
N GLY A 533 13.92 -27.94 7.31
CA GLY A 533 13.89 -29.03 8.30
C GLY A 533 13.20 -30.29 7.77
N CYS A 534 12.06 -30.08 7.12
CA CYS A 534 11.25 -31.17 6.59
C CYS A 534 11.89 -31.76 5.35
N ALA A 535 12.42 -30.92 4.47
CA ALA A 535 12.98 -31.40 3.21
C ALA A 535 14.37 -32.01 3.31
N TRP A 536 15.26 -31.41 4.11
CA TRP A 536 16.69 -31.75 4.03
C TRP A 536 17.23 -32.47 5.26
N TYR A 537 16.73 -32.14 6.44
CA TYR A 537 17.43 -32.43 7.69
C TYR A 537 16.65 -33.35 8.62
N GLU A 538 15.57 -33.94 8.10
CA GLU A 538 14.71 -34.85 8.87
C GLU A 538 14.37 -34.29 10.25
N LEU A 539 13.94 -33.04 10.29
CA LEU A 539 13.48 -32.43 11.52
C LEU A 539 11.98 -32.38 11.49
N THR A 540 11.35 -32.88 12.54
CA THR A 540 9.94 -32.65 12.74
C THR A 540 9.81 -31.15 12.99
N PRO A 541 8.61 -30.58 12.72
CA PRO A 541 8.35 -29.17 13.06
C PRO A 541 8.62 -28.80 14.53
N ALA A 542 8.29 -29.72 15.44
CA ALA A 542 8.59 -29.57 16.88
C ALA A 542 10.06 -29.37 17.15
N GLU A 543 10.87 -30.21 16.51
CA GLU A 543 12.33 -30.13 16.61
C GLU A 543 12.86 -28.85 15.97
N THR A 544 12.31 -28.46 14.82
CA THR A 544 12.71 -27.19 14.23
C THR A 544 12.41 -26.03 15.18
N SER A 545 11.24 -26.06 15.81
CA SER A 545 10.85 -25.03 16.74
C SER A 545 11.83 -24.87 17.94
N VAL A 546 12.35 -25.97 18.47
CA VAL A 546 13.33 -25.90 19.58
C VAL A 546 14.57 -25.15 19.11
N ARG A 547 15.04 -25.47 17.92
CA ARG A 547 16.26 -24.84 17.40
C ARG A 547 16.01 -23.37 17.12
N LEU A 548 14.91 -23.06 16.44
CA LEU A 548 14.58 -21.67 16.17
C LEU A 548 14.40 -20.87 17.45
N ARG A 549 13.71 -21.45 18.42
CA ARG A 549 13.53 -20.81 19.70
C ARG A 549 14.89 -20.41 20.33
N ALA A 550 15.88 -21.29 20.26
CA ALA A 550 17.20 -20.95 20.79
C ALA A 550 17.78 -19.73 20.06
N TYR A 551 17.64 -19.68 18.75
CA TYR A 551 18.12 -18.51 17.99
C TYR A 551 17.41 -17.19 18.39
N LEU A 552 16.08 -17.19 18.42
CA LEU A 552 15.30 -15.99 18.74
C LEU A 552 15.57 -15.52 20.17
N ASN A 553 15.65 -16.46 21.11
CA ASN A 553 15.96 -16.11 22.50
C ASN A 553 17.38 -15.67 22.77
N THR A 554 18.29 -15.90 21.85
CA THR A 554 19.66 -15.45 22.06
C THR A 554 19.84 -14.02 21.54
N PRO A 555 20.25 -13.08 22.41
CA PRO A 555 20.36 -11.70 21.93
C PRO A 555 21.54 -11.45 21.00
N GLY A 556 21.47 -10.35 20.26
CA GLY A 556 22.55 -9.90 19.38
C GLY A 556 22.59 -10.48 17.96
N LEU A 557 21.61 -11.33 17.66
CA LEU A 557 21.44 -11.93 16.35
C LEU A 557 20.38 -11.19 15.54
N PRO A 558 20.32 -11.41 14.21
CA PRO A 558 19.19 -10.85 13.47
C PRO A 558 17.87 -11.23 14.11
N VAL A 559 16.83 -10.42 13.92
CA VAL A 559 15.57 -10.61 14.65
C VAL A 559 14.39 -10.68 13.71
N CYS A 560 13.29 -11.23 14.24
CA CYS A 560 12.13 -11.46 13.43
C CYS A 560 10.94 -11.48 14.37
N GLN A 561 9.74 -11.41 13.78
CA GLN A 561 8.53 -11.55 14.57
C GLN A 561 8.38 -13.01 14.92
N ASP A 562 7.87 -13.28 16.12
CA ASP A 562 7.76 -14.63 16.63
C ASP A 562 6.51 -15.35 16.11
N HIS A 563 6.66 -15.99 14.94
CA HIS A 563 5.57 -16.76 14.33
C HIS A 563 5.85 -18.26 14.36
N LEU A 564 6.66 -18.69 15.34
CA LEU A 564 7.10 -20.10 15.42
C LEU A 564 5.91 -21.08 15.55
N GLU A 565 4.99 -20.77 16.45
CA GLU A 565 3.84 -21.67 16.65
C GLU A 565 3.00 -21.74 15.39
N PHE A 566 2.78 -20.60 14.77
CA PHE A 566 2.02 -20.59 13.53
C PHE A 566 2.65 -21.51 12.49
N TRP A 567 3.94 -21.29 12.19
CA TRP A 567 4.60 -22.06 11.15
C TRP A 567 4.69 -23.54 11.53
N GLU A 568 4.99 -23.84 12.78
CA GLU A 568 4.96 -25.24 13.24
C GLU A 568 3.61 -25.89 12.96
N SER A 569 2.52 -25.17 13.27
CA SER A 569 1.20 -25.72 13.10
C SER A 569 1.01 -26.05 11.63
N VAL A 570 1.43 -25.18 10.73
CA VAL A 570 1.21 -25.45 9.31
C VAL A 570 1.92 -26.71 8.82
N PHE A 571 3.19 -26.83 9.15
CA PHE A 571 3.98 -27.91 8.64
C PHE A 571 3.61 -29.24 9.28
N THR A 572 3.17 -29.18 10.52
CA THR A 572 2.72 -30.37 11.21
C THR A 572 1.63 -31.07 10.41
N GLY A 573 0.75 -30.34 9.73
CA GLY A 573 -0.32 -30.98 8.97
C GLY A 573 0.03 -31.46 7.58
N LEU A 574 1.22 -31.15 7.10
CA LEU A 574 1.61 -31.45 5.77
C LEU A 574 2.28 -32.81 5.70
N THR A 575 1.48 -33.88 5.81
CA THR A 575 2.02 -35.24 5.89
C THR A 575 1.74 -36.03 4.62
N HIS A 576 2.51 -37.10 4.47
CA HIS A 576 2.44 -38.02 3.35
C HIS A 576 2.74 -37.33 2.01
N ILE A 577 3.77 -36.51 2.01
CA ILE A 577 4.26 -35.94 0.76
C ILE A 577 4.73 -37.01 -0.20
N ASP A 578 4.60 -36.77 -1.50
CA ASP A 578 5.19 -37.67 -2.48
C ASP A 578 6.74 -37.52 -2.50
N ALA A 579 7.48 -38.59 -2.16
CA ALA A 579 8.97 -38.56 -2.07
C ALA A 579 9.63 -38.25 -3.40
N HIS A 580 8.98 -38.65 -4.49
CA HIS A 580 9.53 -38.35 -5.78
C HIS A 580 9.50 -36.86 -6.10
N PHE A 581 8.36 -36.21 -5.94
CA PHE A 581 8.27 -34.78 -6.19
C PHE A 581 9.23 -34.00 -5.27
N LEU A 582 9.34 -34.41 -4.02
CA LEU A 582 10.21 -33.73 -3.06
C LEU A 582 11.67 -33.84 -3.50
N SER A 583 12.05 -35.02 -4.01
CA SER A 583 13.42 -35.20 -4.47
C SER A 583 13.66 -34.32 -5.70
N GLN A 584 12.67 -34.11 -6.54
CA GLN A 584 12.89 -33.21 -7.69
C GLN A 584 12.95 -31.74 -7.30
N THR A 585 12.13 -31.29 -6.36
CA THR A 585 12.24 -29.88 -5.91
C THR A 585 13.55 -29.65 -5.13
N LYS A 586 13.98 -30.62 -4.30
CA LYS A 586 15.26 -30.48 -3.63
C LYS A 586 16.36 -30.28 -4.67
N GLN A 587 16.41 -31.18 -5.64
CA GLN A 587 17.49 -31.17 -6.62
C GLN A 587 17.52 -29.91 -7.48
N ALA A 588 16.34 -29.41 -7.86
CA ALA A 588 16.24 -28.22 -8.68
C ALA A 588 16.74 -26.96 -7.96
N GLY A 589 16.71 -26.95 -6.63
CA GLY A 589 17.42 -25.90 -5.86
C GLY A 589 16.64 -24.62 -5.63
N ASP A 590 15.40 -24.59 -6.07
CA ASP A 590 14.54 -23.46 -5.85
C ASP A 590 14.03 -23.42 -4.38
N ASN A 591 13.51 -22.26 -4.00
CA ASN A 591 13.00 -21.99 -2.68
C ASN A 591 11.75 -22.82 -2.34
N PHE A 592 11.53 -23.06 -1.06
CA PHE A 592 10.39 -23.82 -0.56
C PHE A 592 10.21 -25.17 -1.31
N PRO A 593 11.24 -26.02 -1.33
CA PRO A 593 11.03 -27.33 -1.98
C PRO A 593 9.91 -28.16 -1.34
N TYR A 594 9.74 -28.04 -0.02
CA TYR A 594 8.73 -28.84 0.64
C TYR A 594 7.36 -28.36 0.25
N LEU A 595 7.13 -27.05 0.30
CA LEU A 595 5.79 -26.54 -0.01
C LEU A 595 5.44 -26.71 -1.49
N VAL A 596 6.43 -26.56 -2.36
CA VAL A 596 6.18 -26.76 -3.78
C VAL A 596 5.85 -28.25 -4.01
N ALA A 597 6.70 -29.15 -3.54
CA ALA A 597 6.43 -30.59 -3.70
C ALA A 597 5.09 -31.00 -3.05
N TYR A 598 4.74 -30.37 -1.92
CA TYR A 598 3.49 -30.68 -1.25
C TYR A 598 2.27 -30.27 -2.05
N GLN A 599 2.32 -29.09 -2.66
CA GLN A 599 1.25 -28.65 -3.54
C GLN A 599 1.15 -29.57 -4.76
N ALA A 600 2.29 -29.97 -5.30
CA ALA A 600 2.31 -30.83 -6.47
C ALA A 600 1.72 -32.18 -6.14
N THR A 601 2.02 -32.66 -4.93
CA THR A 601 1.49 -33.91 -4.40
C THR A 601 -0.04 -33.88 -4.37
N VAL A 602 -0.62 -32.82 -3.82
CA VAL A 602 -2.09 -32.73 -3.76
C VAL A 602 -2.70 -32.59 -5.16
N CYS A 603 -2.06 -31.86 -6.06
CA CYS A 603 -2.51 -31.79 -7.43
C CYS A 603 -2.51 -33.16 -8.13
N ALA A 604 -1.38 -33.86 -8.07
CA ALA A 604 -1.25 -35.12 -8.78
C ALA A 604 -2.27 -36.10 -8.23
N ARG A 605 -2.44 -36.15 -6.92
CA ARG A 605 -3.38 -37.10 -6.36
C ARG A 605 -4.85 -36.79 -6.63
N ALA A 606 -5.18 -35.52 -6.91
CA ALA A 606 -6.53 -35.12 -7.32
C ALA A 606 -6.63 -35.07 -8.85
N GLN A 607 -5.57 -35.46 -9.55
CA GLN A 607 -5.50 -35.38 -11.02
C GLN A 607 -5.81 -33.97 -11.52
N ALA A 608 -5.38 -32.98 -10.74
CA ALA A 608 -5.65 -31.57 -10.98
C ALA A 608 -4.41 -30.82 -11.47
N PRO A 609 -4.59 -29.72 -12.22
CA PRO A 609 -3.40 -29.00 -12.70
C PRO A 609 -2.79 -28.17 -11.57
N PRO A 610 -1.50 -27.77 -11.70
CA PRO A 610 -0.88 -26.89 -10.72
C PRO A 610 -1.45 -25.51 -10.95
N PRO A 611 -1.26 -24.59 -9.99
CA PRO A 611 -1.80 -23.22 -10.04
C PRO A 611 -1.43 -22.45 -11.32
N SER A 612 -0.31 -22.82 -11.91
CA SER A 612 0.14 -22.28 -13.18
C SER A 612 1.14 -23.26 -13.76
N TRP A 613 1.61 -22.98 -14.97
CA TRP A 613 2.65 -23.77 -15.59
C TRP A 613 3.97 -23.00 -15.63
N ASP A 614 4.16 -22.13 -14.65
CA ASP A 614 5.47 -21.56 -14.35
C ASP A 614 6.46 -22.69 -14.04
N GLN A 615 7.75 -22.41 -14.17
CA GLN A 615 8.79 -23.41 -13.95
C GLN A 615 8.80 -23.97 -12.52
N MET A 616 8.29 -23.20 -11.58
CA MET A 616 8.04 -23.72 -10.25
C MET A 616 7.36 -25.10 -10.31
N TRP A 617 6.45 -25.29 -11.27
CA TRP A 617 5.67 -26.54 -11.32
C TRP A 617 6.17 -27.60 -12.30
N LYS A 618 7.44 -27.52 -12.68
CA LYS A 618 7.95 -28.38 -13.73
C LYS A 618 7.89 -29.87 -13.38
N CYS A 619 7.92 -30.22 -12.11
CA CYS A 619 7.81 -31.66 -11.76
C CYS A 619 6.53 -32.29 -12.27
N LEU A 620 5.52 -31.47 -12.62
CA LEU A 620 4.22 -31.95 -13.12
C LEU A 620 4.05 -31.88 -14.64
N ILE A 621 5.04 -31.39 -15.36
CA ILE A 621 4.91 -31.24 -16.82
C ILE A 621 4.56 -32.57 -17.49
N ARG A 622 5.29 -33.63 -17.19
CA ARG A 622 5.05 -34.90 -17.87
C ARG A 622 3.60 -35.39 -17.73
N LEU A 623 2.95 -34.97 -16.64
CA LEU A 623 1.58 -35.38 -16.33
C LEU A 623 0.50 -34.50 -16.92
N LYS A 624 0.88 -33.38 -17.52
CA LYS A 624 -0.10 -32.38 -17.99
C LYS A 624 -1.29 -32.99 -18.77
N PRO A 625 -1.03 -33.96 -19.69
CA PRO A 625 -2.15 -34.56 -20.45
C PRO A 625 -3.26 -35.16 -19.58
N THR A 626 -2.96 -35.65 -18.39
CA THR A 626 -3.97 -36.24 -17.52
C THR A 626 -4.52 -35.31 -16.42
N LEU A 627 -4.07 -34.05 -16.36
CA LEU A 627 -4.45 -33.14 -15.29
C LEU A 627 -5.59 -32.21 -15.70
N HIS A 628 -6.67 -32.22 -14.94
CA HIS A 628 -7.92 -31.57 -15.32
C HIS A 628 -8.59 -30.95 -14.12
N GLY A 629 -9.30 -29.84 -14.34
CA GLY A 629 -10.18 -29.20 -13.36
C GLY A 629 -9.48 -28.10 -12.54
N PRO A 630 -10.08 -27.69 -11.42
CA PRO A 630 -9.51 -26.62 -10.63
C PRO A 630 -8.44 -27.14 -9.71
N THR A 631 -7.42 -26.33 -9.46
CA THR A 631 -6.39 -26.77 -8.53
C THR A 631 -6.85 -26.58 -7.11
N PRO A 632 -6.64 -27.60 -6.26
CA PRO A 632 -6.92 -27.50 -4.85
C PRO A 632 -5.80 -26.69 -4.17
N LEU A 633 -6.06 -25.40 -3.97
CA LEU A 633 -4.97 -24.46 -3.68
C LEU A 633 -4.70 -24.47 -2.19
N LEU A 634 -3.45 -24.69 -1.81
CA LEU A 634 -3.06 -24.74 -0.41
C LEU A 634 -2.64 -23.38 0.14
N TYR A 635 -1.97 -22.62 -0.73
CA TYR A 635 -1.36 -21.35 -0.42
C TYR A 635 -0.93 -20.78 -1.77
N ARG A 636 -0.46 -19.53 -1.76
CA ARG A 636 0.00 -18.87 -2.98
C ARG A 636 1.54 -18.66 -2.94
N LEU A 637 2.22 -19.25 -3.91
CA LEU A 637 3.69 -19.17 -4.03
C LEU A 637 4.10 -18.38 -5.29
N GLY A 638 3.09 -17.91 -6.02
CA GLY A 638 3.29 -17.18 -7.27
C GLY A 638 1.92 -16.85 -7.85
N ALA A 639 1.90 -16.28 -9.05
CA ALA A 639 0.64 -16.06 -9.76
C ALA A 639 -0.13 -17.37 -9.89
N VAL A 640 -1.45 -17.30 -9.68
CA VAL A 640 -2.34 -18.43 -9.86
C VAL A 640 -3.23 -18.18 -11.07
N GLN A 641 -3.04 -18.98 -12.12
CA GLN A 641 -3.74 -18.78 -13.40
C GLN A 641 -4.92 -19.70 -13.60
N ASN A 642 -4.85 -20.90 -13.05
CA ASN A 642 -5.93 -21.85 -13.13
C ASN A 642 -7.03 -21.49 -12.15
N GLU A 643 -8.23 -21.98 -12.42
CA GLU A 643 -9.31 -21.93 -11.46
C GLU A 643 -8.94 -22.73 -10.22
N VAL A 644 -9.54 -22.36 -9.11
CA VAL A 644 -9.19 -22.94 -7.85
C VAL A 644 -10.39 -23.47 -7.10
N THR A 645 -10.16 -24.54 -6.36
CA THR A 645 -11.12 -25.00 -5.37
C THR A 645 -10.46 -24.98 -3.99
N LEU A 646 -11.31 -24.84 -2.98
CA LEU A 646 -10.88 -24.61 -1.61
C LEU A 646 -11.35 -25.73 -0.68
N THR A 647 -11.87 -26.81 -1.27
CA THR A 647 -12.47 -27.93 -0.50
C THR A 647 -11.47 -28.96 -0.01
N HIS A 648 -10.22 -28.88 -0.47
CA HIS A 648 -9.21 -29.86 -0.02
C HIS A 648 -9.07 -29.79 1.50
N PRO A 649 -9.05 -30.95 2.17
CA PRO A 649 -8.84 -30.98 3.61
C PRO A 649 -7.56 -30.31 4.14
N ILE A 650 -6.49 -30.35 3.38
CA ILE A 650 -5.27 -29.61 3.73
C ILE A 650 -5.51 -28.10 3.56
N THR A 651 -6.21 -27.67 2.52
CA THR A 651 -6.58 -26.24 2.44
C THR A 651 -7.31 -25.85 3.75
N LYS A 652 -8.29 -26.65 4.14
CA LYS A 652 -9.07 -26.35 5.34
C LYS A 652 -8.21 -26.36 6.60
N TYR A 653 -7.29 -27.32 6.71
CA TYR A 653 -6.41 -27.37 7.87
C TYR A 653 -5.54 -26.12 7.96
N ILE A 654 -5.03 -25.65 6.84
CA ILE A 654 -4.16 -24.45 6.85
C ILE A 654 -5.04 -23.23 7.12
N MET A 655 -6.23 -23.21 6.56
CA MET A 655 -7.17 -22.14 6.91
C MET A 655 -7.35 -22.08 8.42
N ALA A 656 -7.57 -23.23 9.06
CA ALA A 656 -7.71 -23.23 10.52
C ALA A 656 -6.44 -22.76 11.25
N CYS A 657 -5.26 -23.02 10.67
CA CYS A 657 -4.03 -22.53 11.28
C CYS A 657 -4.01 -20.99 11.33
N MET A 658 -4.73 -20.33 10.41
CA MET A 658 -4.70 -18.85 10.31
C MET A 658 -5.35 -18.13 11.48
N SER A 659 -5.99 -18.88 12.37
CA SER A 659 -6.60 -18.34 13.57
C SER A 659 -5.57 -18.10 14.68
N ALA A 660 -4.34 -18.53 14.47
CA ALA A 660 -3.29 -18.32 15.46
C ALA A 660 -3.05 -16.83 15.71
N ASP A 661 -2.69 -16.52 16.96
CA ASP A 661 -2.18 -15.19 17.35
C ASP A 661 -0.88 -14.91 16.58
N LEU A 662 -0.90 -13.83 15.81
CA LEU A 662 0.23 -13.40 14.99
C LEU A 662 0.70 -12.01 15.45
N GLU A 663 1.96 -11.92 15.89
CA GLU A 663 2.61 -10.64 16.13
C GLU A 663 2.73 -9.88 14.82
N VAL A 664 2.21 -8.66 14.78
CA VAL A 664 2.37 -7.82 13.59
C VAL A 664 2.83 -6.43 14.02
N VAL A 665 3.88 -5.93 13.38
CA VAL A 665 4.48 -4.65 13.79
C VAL A 665 3.56 -3.52 13.34
N THR A 666 3.55 -2.46 14.16
CA THR A 666 2.64 -1.34 13.98
C THR A 666 3.41 -0.02 13.78
N GLY B 22 -0.19 20.97 -6.71
CA GLY B 22 1.03 20.43 -7.36
C GLY B 22 0.89 20.21 -8.86
N SER B 23 2.01 20.29 -9.57
CA SER B 23 2.03 19.99 -10.99
C SER B 23 2.46 18.56 -11.17
N VAL B 24 2.12 17.99 -12.32
CA VAL B 24 2.72 16.73 -12.77
C VAL B 24 4.17 17.03 -13.11
N VAL B 25 5.08 16.09 -12.87
CA VAL B 25 6.50 16.31 -13.17
C VAL B 25 7.24 15.12 -13.79
N ILE B 26 8.03 15.43 -14.81
CA ILE B 26 8.80 14.41 -15.49
C ILE B 26 9.95 14.02 -14.57
N VAL B 27 10.07 12.72 -14.31
CA VAL B 27 11.10 12.19 -13.40
C VAL B 27 11.99 11.19 -14.08
N GLY B 28 11.74 10.91 -15.35
CA GLY B 28 12.55 9.96 -16.08
C GLY B 28 12.04 9.84 -17.49
N ARG B 29 12.62 8.93 -18.26
CA ARG B 29 12.16 8.66 -19.61
C ARG B 29 12.41 7.22 -19.94
N ILE B 30 11.66 6.71 -20.92
CA ILE B 30 11.88 5.41 -21.55
C ILE B 30 12.34 5.64 -23.00
N ILE B 31 13.58 5.27 -23.27
CA ILE B 31 14.20 5.45 -24.58
C ILE B 31 13.92 4.23 -25.44
N LEU B 32 13.32 4.45 -26.60
CA LEU B 32 13.02 3.39 -27.55
C LEU B 32 14.12 3.28 -28.62
N SER B 33 14.36 2.06 -29.12
CA SER B 33 15.39 1.84 -30.15
C SER B 33 15.14 2.66 -31.43
N SER B 37 13.50 -4.84 -35.34
CA SER B 37 13.00 -4.74 -33.98
C SER B 37 13.64 -3.53 -33.28
N ILE B 38 11.82 -4.16 -31.35
CA ILE B 38 11.68 -2.99 -30.52
C ILE B 38 12.29 -3.31 -29.17
N THR B 39 13.11 -2.39 -28.66
CA THR B 39 13.66 -2.51 -27.32
C THR B 39 13.62 -1.15 -26.62
N ALA B 40 13.70 -1.17 -25.30
CA ALA B 40 13.66 0.08 -24.53
C ALA B 40 14.51 -0.01 -23.27
N TYR B 41 14.85 1.14 -22.74
CA TYR B 41 15.50 1.22 -21.45
C TYR B 41 15.14 2.56 -20.82
N SER B 42 15.24 2.64 -19.48
CA SER B 42 14.76 3.80 -18.73
C SER B 42 15.90 4.68 -18.24
N GLN B 43 15.61 5.96 -18.03
CA GLN B 43 16.53 6.85 -17.34
C GLN B 43 15.76 7.56 -16.26
N GLN B 44 16.30 7.58 -15.04
CA GLN B 44 15.72 8.42 -14.00
C GLN B 44 16.47 9.75 -14.01
N THR B 45 15.73 10.85 -14.02
CA THR B 45 16.32 12.17 -14.08
C THR B 45 16.09 12.96 -12.80
N ARG B 46 15.16 12.51 -11.95
CA ARG B 46 14.86 13.19 -10.69
C ARG B 46 14.62 12.22 -9.54
N GLY B 47 15.06 12.62 -8.37
CA GLY B 47 14.71 11.93 -7.13
C GLY B 47 13.54 12.59 -6.44
N LEU B 48 13.26 12.14 -5.22
CA LEU B 48 12.10 12.60 -4.49
C LEU B 48 12.11 14.11 -4.28
N LEU B 49 13.17 14.63 -3.67
CA LEU B 49 13.21 16.05 -3.34
C LEU B 49 13.00 16.91 -4.58
N GLY B 50 13.72 16.57 -5.65
CA GLY B 50 13.57 17.23 -6.94
C GLY B 50 12.12 17.21 -7.44
N CYS B 51 11.49 16.03 -7.39
CA CYS B 51 10.11 15.87 -7.83
C CYS B 51 9.20 16.81 -7.08
N ILE B 52 9.35 16.82 -5.75
CA ILE B 52 8.48 17.58 -4.88
C ILE B 52 8.65 19.10 -5.07
N ILE B 53 9.88 19.60 -5.09
CA ILE B 53 10.11 21.03 -5.33
C ILE B 53 9.60 21.42 -6.70
N THR B 54 9.83 20.56 -7.69
CA THR B 54 9.42 20.91 -9.03
C THR B 54 7.88 20.91 -9.13
N SER B 55 7.22 19.97 -8.46
CA SER B 55 5.73 19.97 -8.43
C SER B 55 5.15 21.24 -7.83
N LEU B 56 5.78 21.75 -6.77
CA LEU B 56 5.29 22.94 -6.09
C LEU B 56 5.58 24.22 -6.84
N THR B 57 6.70 24.26 -7.56
CA THR B 57 7.05 25.45 -8.33
C THR B 57 6.40 25.45 -9.69
N GLY B 58 6.23 24.25 -10.27
CA GLY B 58 5.72 24.14 -11.64
C GLY B 58 6.78 24.49 -12.66
N ARG B 59 8.02 24.65 -12.19
CA ARG B 59 9.14 25.14 -12.98
C ARG B 59 10.13 24.02 -13.17
N ASP B 60 10.18 23.48 -14.37
CA ASP B 60 11.07 22.39 -14.71
C ASP B 60 12.01 22.82 -15.83
N LYS B 61 13.27 23.08 -15.47
CA LYS B 61 14.32 23.45 -16.42
C LYS B 61 14.93 22.25 -17.12
N ASN B 62 14.81 21.07 -16.52
CA ASN B 62 15.40 19.88 -17.13
C ASN B 62 14.98 19.81 -18.56
N GLN B 63 15.95 19.52 -19.43
CA GLN B 63 15.68 19.36 -20.84
C GLN B 63 14.91 18.07 -21.02
N VAL B 64 13.83 18.14 -21.77
CA VAL B 64 13.06 16.96 -22.06
C VAL B 64 13.53 16.37 -23.37
N GLU B 65 13.62 15.05 -23.37
CA GLU B 65 14.08 14.29 -24.51
C GLU B 65 13.25 13.04 -24.65
N GLY B 66 13.06 12.60 -25.89
CA GLY B 66 12.39 11.33 -26.15
C GLY B 66 10.89 11.50 -26.30
N GLU B 67 10.21 10.40 -26.58
CA GLU B 67 8.77 10.43 -26.81
C GLU B 67 7.96 9.87 -25.61
N VAL B 68 8.61 9.10 -24.72
CA VAL B 68 7.96 8.53 -23.54
C VAL B 68 8.59 9.04 -22.24
N GLN B 69 7.77 9.71 -21.44
CA GLN B 69 8.22 10.29 -20.19
C GLN B 69 7.71 9.44 -19.02
N VAL B 70 8.49 9.40 -17.96
CA VAL B 70 8.06 8.86 -16.70
C VAL B 70 7.68 10.08 -15.89
N VAL B 71 6.44 10.08 -15.39
CA VAL B 71 5.88 11.24 -14.73
C VAL B 71 5.39 10.86 -13.34
N SER B 72 5.30 11.87 -12.48
CA SER B 72 4.84 11.65 -11.12
C SER B 72 4.07 12.83 -10.60
N THR B 73 3.17 12.54 -9.67
CA THR B 73 2.54 13.54 -8.82
C THR B 73 3.04 13.28 -7.40
N ALA B 74 2.38 13.86 -6.42
CA ALA B 74 2.67 13.55 -5.02
C ALA B 74 2.38 12.08 -4.67
N THR B 75 1.32 11.53 -5.25
CA THR B 75 0.83 10.22 -4.81
C THR B 75 1.16 9.06 -5.75
N GLN B 76 1.66 9.33 -6.95
CA GLN B 76 1.59 8.30 -7.99
C GLN B 76 2.53 8.55 -9.16
N SER B 77 3.07 7.47 -9.72
CA SER B 77 3.92 7.55 -10.88
C SER B 77 3.34 6.74 -12.01
N PHE B 78 3.41 7.29 -13.21
CA PHE B 78 2.83 6.66 -14.41
C PHE B 78 3.62 7.12 -15.65
N LEU B 79 3.12 6.87 -16.85
CA LEU B 79 3.85 7.28 -18.05
C LEU B 79 3.05 8.29 -18.86
N ALA B 80 3.75 8.93 -19.79
CA ALA B 80 3.14 9.87 -20.73
C ALA B 80 3.85 9.78 -22.09
N THR B 81 3.06 9.86 -23.15
CA THR B 81 3.56 9.61 -24.49
C THR B 81 3.23 10.77 -25.41
N CYS B 82 4.26 11.30 -26.09
CA CYS B 82 4.08 12.40 -27.05
C CYS B 82 3.66 11.84 -28.41
N VAL B 83 2.57 12.36 -28.94
CA VAL B 83 2.13 12.07 -30.31
C VAL B 83 1.58 13.37 -30.90
N ASN B 84 1.92 13.65 -32.17
CA ASN B 84 1.51 14.88 -32.87
C ASN B 84 1.76 16.15 -32.08
N GLY B 85 2.90 16.24 -31.40
CA GLY B 85 3.28 17.46 -30.68
C GLY B 85 2.57 17.68 -29.35
N VAL B 86 1.82 16.67 -28.91
CA VAL B 86 1.10 16.71 -27.64
C VAL B 86 1.55 15.57 -26.76
N CYS B 87 1.89 15.91 -25.53
CA CYS B 87 2.27 14.92 -24.54
C CYS B 87 0.99 14.39 -23.86
N TRP B 88 0.62 13.14 -24.16
CA TRP B 88 -0.62 12.56 -23.67
C TRP B 88 -0.42 11.62 -22.48
N THR B 89 -1.40 11.63 -21.57
CA THR B 89 -1.49 10.64 -20.53
C THR B 89 -2.94 10.47 -20.05
N VAL B 90 -3.12 9.74 -18.96
CA VAL B 90 -4.45 9.43 -18.43
C VAL B 90 -5.00 10.37 -17.40
N TYR B 91 -6.28 10.67 -17.55
CA TYR B 91 -6.98 11.53 -16.59
C TYR B 91 -6.88 10.91 -15.18
N HIS B 92 -6.98 9.59 -15.09
CA HIS B 92 -7.03 8.98 -13.77
C HIS B 92 -5.71 9.13 -13.02
N GLY B 93 -4.60 9.33 -13.73
CA GLY B 93 -3.34 9.65 -13.08
C GLY B 93 -3.09 11.14 -12.91
N ALA B 94 -3.34 11.93 -13.94
CA ALA B 94 -2.93 13.34 -13.96
C ALA B 94 -4.07 14.26 -13.56
N GLY B 95 -5.30 13.78 -13.66
CA GLY B 95 -6.44 14.66 -13.41
C GLY B 95 -6.37 15.86 -14.30
N SER B 96 -6.58 17.07 -13.75
CA SER B 96 -6.60 18.30 -14.52
C SER B 96 -5.33 19.13 -14.26
N LYS B 97 -4.34 18.47 -13.68
CA LYS B 97 -3.11 19.11 -13.26
C LYS B 97 -2.31 19.71 -14.40
N THR B 98 -1.58 20.76 -14.07
CA THR B 98 -0.61 21.35 -14.98
C THR B 98 0.65 20.49 -14.96
N LEU B 99 1.48 20.71 -15.97
CA LEU B 99 2.73 20.01 -16.14
C LEU B 99 3.84 21.02 -15.92
N ALA B 100 4.78 20.70 -15.05
CA ALA B 100 5.92 21.59 -14.79
C ALA B 100 6.72 21.74 -16.08
N GLY B 101 7.05 22.98 -16.43
CA GLY B 101 7.65 23.32 -17.71
C GLY B 101 8.78 24.33 -17.58
N PRO B 102 9.52 24.54 -18.69
CA PRO B 102 10.68 25.43 -18.59
C PRO B 102 10.31 26.86 -18.13
N LYS B 103 9.14 27.35 -18.52
CA LYS B 103 8.67 28.68 -18.13
C LYS B 103 7.59 28.68 -17.05
N GLY B 104 7.42 27.58 -16.32
CA GLY B 104 6.38 27.50 -15.30
C GLY B 104 5.33 26.48 -15.67
N PRO B 105 4.25 26.38 -14.88
CA PRO B 105 3.26 25.31 -15.12
C PRO B 105 2.60 25.41 -16.49
N ILE B 106 2.46 24.28 -17.17
CA ILE B 106 1.77 24.23 -18.45
C ILE B 106 0.36 23.69 -18.22
N THR B 107 -0.67 24.46 -18.57
CA THR B 107 -2.04 23.97 -18.39
C THR B 107 -2.37 23.04 -19.55
N GLN B 108 -3.29 22.11 -19.32
CA GLN B 108 -3.63 21.08 -20.31
C GLN B 108 -4.26 21.75 -21.51
N MET B 109 -3.86 21.33 -22.69
CA MET B 109 -4.50 21.77 -23.91
C MET B 109 -5.75 20.94 -24.17
N TYR B 110 -5.74 19.68 -23.72
CA TYR B 110 -6.84 18.76 -23.96
C TYR B 110 -7.18 18.00 -22.70
N THR B 111 -8.47 17.89 -22.42
CA THR B 111 -8.95 17.13 -21.27
C THR B 111 -10.20 16.39 -21.70
N ASN B 112 -10.11 15.07 -21.89
CA ASN B 112 -11.29 14.27 -22.22
C ASN B 112 -11.49 13.21 -21.14
N VAL B 113 -12.33 13.53 -20.15
CA VAL B 113 -12.53 12.66 -19.01
C VAL B 113 -13.18 11.32 -19.44
N ASP B 114 -14.10 11.36 -20.41
CA ASP B 114 -14.75 10.12 -20.89
C ASP B 114 -13.79 9.10 -21.49
N GLN B 115 -12.78 9.60 -22.21
CA GLN B 115 -11.77 8.75 -22.83
C GLN B 115 -10.56 8.49 -21.92
N ASP B 116 -10.58 9.02 -20.70
CA ASP B 116 -9.47 8.91 -19.74
C ASP B 116 -8.20 9.45 -20.37
N LEU B 117 -8.28 10.66 -20.90
CA LEU B 117 -7.25 11.19 -21.79
C LEU B 117 -7.07 12.68 -21.54
N VAL B 118 -5.83 13.07 -21.27
CA VAL B 118 -5.47 14.45 -21.19
C VAL B 118 -4.19 14.66 -21.99
N GLY B 119 -3.91 15.91 -22.34
CA GLY B 119 -2.71 16.27 -23.10
C GLY B 119 -2.23 17.70 -22.88
N TRP B 120 -0.90 17.83 -22.80
CA TRP B 120 -0.22 19.12 -22.76
C TRP B 120 0.59 19.31 -24.04
N GLN B 121 0.67 20.53 -24.54
CA GLN B 121 1.52 20.82 -25.70
C GLN B 121 2.92 20.36 -25.35
N ALA B 122 3.52 19.54 -26.20
CA ALA B 122 4.83 18.94 -25.90
C ALA B 122 5.91 20.02 -25.70
N PRO B 123 6.70 19.94 -24.61
CA PRO B 123 7.69 21.01 -24.41
C PRO B 123 8.84 20.89 -25.40
N PRO B 124 9.60 21.98 -25.60
CA PRO B 124 10.69 21.91 -26.59
C PRO B 124 11.67 20.77 -26.29
N GLY B 125 12.16 20.12 -27.35
CA GLY B 125 13.12 19.02 -27.20
C GLY B 125 12.46 17.66 -27.29
N ALA B 126 11.19 17.57 -26.92
CA ALA B 126 10.47 16.32 -26.93
C ALA B 126 10.18 15.90 -28.36
N ARG B 127 10.35 14.61 -28.66
CA ARG B 127 9.94 14.05 -29.94
C ARG B 127 8.55 13.41 -29.83
N SER B 128 7.84 13.33 -30.96
CA SER B 128 6.57 12.58 -31.00
C SER B 128 6.72 11.29 -31.77
N LEU B 129 5.99 10.27 -31.36
CA LEU B 129 5.75 9.11 -32.18
C LEU B 129 4.75 9.48 -33.28
N THR B 130 4.77 8.73 -34.36
CA THR B 130 3.84 8.95 -35.45
C THR B 130 2.74 7.93 -35.31
N PRO B 131 1.47 8.34 -35.50
CA PRO B 131 0.33 7.40 -35.43
C PRO B 131 0.49 6.20 -36.36
N CYS B 132 -0.03 5.06 -35.95
CA CYS B 132 0.02 3.85 -36.76
C CYS B 132 -1.31 3.77 -37.51
N THR B 133 -1.23 3.61 -38.83
CA THR B 133 -2.40 3.61 -39.68
C THR B 133 -2.53 2.35 -40.51
N CYS B 134 -1.41 1.85 -41.06
CA CYS B 134 -1.45 0.59 -41.80
C CYS B 134 -2.17 -0.44 -40.92
N GLY B 135 -1.83 -0.46 -39.63
CA GLY B 135 -2.60 -1.19 -38.62
C GLY B 135 -2.28 -2.68 -38.56
N SER B 136 -1.21 -3.03 -37.84
CA SER B 136 -0.91 -4.44 -37.57
C SER B 136 -1.67 -4.93 -36.34
N SER B 137 -1.89 -6.25 -36.26
CA SER B 137 -2.52 -6.87 -35.10
C SER B 137 -1.50 -7.40 -34.10
N ASP B 138 -0.22 -7.37 -34.47
CA ASP B 138 0.84 -7.62 -33.51
C ASP B 138 1.19 -6.28 -32.93
N LEU B 139 1.04 -6.14 -31.61
CA LEU B 139 1.34 -4.89 -30.91
C LEU B 139 2.35 -5.10 -29.81
N TYR B 140 3.04 -4.02 -29.42
CA TYR B 140 4.01 -4.06 -28.36
C TYR B 140 3.76 -2.96 -27.34
N LEU B 141 3.55 -3.37 -26.09
CA LEU B 141 3.30 -2.45 -24.99
C LEU B 141 4.60 -2.19 -24.26
N VAL B 142 4.94 -0.92 -24.12
CA VAL B 142 6.14 -0.50 -23.40
C VAL B 142 5.73 -0.08 -21.99
N THR B 143 6.27 -0.77 -21.00
CA THR B 143 5.96 -0.55 -19.60
C THR B 143 6.96 0.42 -18.94
N ARG B 144 6.69 0.80 -17.69
CA ARG B 144 7.57 1.71 -16.97
C ARG B 144 8.91 1.10 -16.55
N HIS B 145 9.03 -0.24 -16.63
CA HIS B 145 10.30 -0.93 -16.36
C HIS B 145 11.10 -1.08 -17.64
N ALA B 146 10.56 -0.52 -18.72
CA ALA B 146 11.17 -0.53 -20.03
C ALA B 146 11.11 -1.91 -20.67
N ASP B 147 10.24 -2.79 -20.16
CA ASP B 147 9.91 -4.02 -20.86
C ASP B 147 9.02 -3.69 -22.07
N VAL B 148 9.08 -4.55 -23.08
CA VAL B 148 8.27 -4.45 -24.30
C VAL B 148 7.47 -5.73 -24.43
N ILE B 149 6.16 -5.63 -24.21
CA ILE B 149 5.29 -6.78 -24.03
C ILE B 149 4.45 -6.98 -25.28
N PRO B 150 4.52 -8.18 -25.89
CA PRO B 150 3.69 -8.47 -27.06
C PRO B 150 2.20 -8.54 -26.72
N VAL B 151 1.39 -7.95 -27.58
CA VAL B 151 -0.05 -7.88 -27.40
C VAL B 151 -0.75 -8.10 -28.72
N ARG B 152 -1.77 -8.93 -28.70
CA ARG B 152 -2.55 -9.24 -29.90
C ARG B 152 -3.79 -8.38 -29.94
N ARG B 153 -3.90 -7.50 -30.95
CA ARG B 153 -5.02 -6.58 -31.03
C ARG B 153 -6.32 -7.34 -31.23
N ARG B 154 -7.36 -6.96 -30.47
CA ARG B 154 -8.67 -7.62 -30.52
C ARG B 154 -9.82 -6.69 -30.90
N GLY B 155 -9.61 -5.39 -30.76
CA GLY B 155 -10.65 -4.44 -31.11
C GLY B 155 -10.02 -3.09 -31.41
N ASP B 156 -10.86 -2.07 -31.37
CA ASP B 156 -10.42 -0.69 -31.46
C ASP B 156 -9.56 -0.31 -30.26
N SER B 157 -9.92 -0.77 -29.06
CA SER B 157 -9.28 -0.26 -27.85
C SER B 157 -8.81 -1.35 -26.86
N ARG B 158 -8.60 -2.56 -27.39
CA ARG B 158 -8.43 -3.75 -26.59
C ARG B 158 -7.38 -4.69 -27.22
N GLY B 159 -6.55 -5.31 -26.40
CA GLY B 159 -5.58 -6.29 -26.87
C GLY B 159 -5.30 -7.35 -25.82
N SER B 160 -5.03 -8.59 -26.26
CA SER B 160 -4.73 -9.65 -25.30
C SER B 160 -3.23 -9.79 -25.10
N LEU B 161 -2.83 -10.03 -23.85
CA LEU B 161 -1.45 -10.34 -23.53
C LEU B 161 -1.18 -11.78 -23.99
N LEU B 162 -0.05 -12.01 -24.66
CA LEU B 162 0.32 -13.39 -25.06
C LEU B 162 0.69 -14.22 -23.84
N SER B 163 1.28 -13.57 -22.84
CA SER B 163 1.55 -14.18 -21.54
C SER B 163 0.83 -13.37 -20.46
N PRO B 164 -0.25 -13.94 -19.90
CA PRO B 164 -0.90 -13.36 -18.73
C PRO B 164 0.07 -13.03 -17.61
N ARG B 165 -0.06 -11.85 -17.02
CA ARG B 165 0.79 -11.42 -15.91
C ARG B 165 -0.04 -10.87 -14.75
N PRO B 166 0.49 -10.91 -13.53
CA PRO B 166 -0.16 -10.30 -12.37
C PRO B 166 -0.33 -8.82 -12.62
N VAL B 167 -1.49 -8.27 -12.28
CA VAL B 167 -1.72 -6.86 -12.58
C VAL B 167 -0.69 -5.96 -11.94
N SER B 168 -0.21 -6.36 -10.77
CA SER B 168 0.81 -5.64 -10.07
C SER B 168 1.98 -5.25 -11.00
N TYR B 169 2.29 -6.10 -11.96
CA TYR B 169 3.39 -5.84 -12.89
C TYR B 169 3.10 -4.67 -13.86
N LEU B 170 1.83 -4.45 -14.19
CA LEU B 170 1.44 -3.41 -15.12
C LEU B 170 1.21 -2.06 -14.47
N LYS B 171 1.17 -2.01 -13.14
CA LYS B 171 0.86 -0.79 -12.45
C LYS B 171 2.01 0.19 -12.56
N GLY B 172 1.67 1.46 -12.77
CA GLY B 172 2.62 2.51 -13.03
C GLY B 172 2.85 2.68 -14.52
N SER B 173 2.16 1.90 -15.34
CA SER B 173 2.43 1.89 -16.78
C SER B 173 1.35 2.59 -17.61
N SER B 174 0.26 2.99 -16.95
CA SER B 174 -0.74 3.90 -17.54
C SER B 174 -0.06 5.03 -18.26
N GLY B 175 -0.48 5.28 -19.49
CA GLY B 175 0.08 6.37 -20.29
C GLY B 175 1.16 5.96 -21.29
N GLY B 176 1.60 4.70 -21.21
CA GLY B 176 2.68 4.20 -22.06
C GLY B 176 2.11 3.79 -23.38
N PRO B 177 2.96 3.75 -24.42
CA PRO B 177 2.51 3.46 -25.77
C PRO B 177 2.32 1.98 -26.05
N LEU B 178 1.28 1.66 -26.83
CA LEU B 178 1.14 0.43 -27.59
C LEU B 178 1.67 0.76 -28.99
N LEU B 179 2.69 0.03 -29.43
CA LEU B 179 3.34 0.29 -30.70
C LEU B 179 3.07 -0.86 -31.62
N CYS B 180 2.89 -0.56 -32.90
CA CYS B 180 2.95 -1.60 -33.94
C CYS B 180 4.45 -1.87 -34.23
N PRO B 181 4.77 -2.93 -35.01
CA PRO B 181 6.19 -3.31 -35.19
C PRO B 181 7.07 -2.20 -35.77
N SER B 182 6.52 -1.37 -36.66
CA SER B 182 7.26 -0.22 -37.20
C SER B 182 7.54 0.90 -36.18
N GLY B 183 7.07 0.76 -34.94
CA GLY B 183 7.31 1.78 -33.90
C GLY B 183 6.38 2.98 -33.93
N HIS B 184 5.33 2.90 -34.73
CA HIS B 184 4.28 3.91 -34.71
C HIS B 184 3.29 3.62 -33.58
N ALA B 185 2.67 4.69 -33.09
CA ALA B 185 1.75 4.61 -31.94
C ALA B 185 0.34 4.22 -32.34
N VAL B 186 -0.15 3.15 -31.74
CA VAL B 186 -1.54 2.71 -31.86
C VAL B 186 -2.45 3.38 -30.81
N GLY B 187 -1.90 3.65 -29.63
CA GLY B 187 -2.62 4.27 -28.53
C GLY B 187 -1.79 4.29 -27.26
N ILE B 188 -2.41 4.72 -26.16
CA ILE B 188 -1.76 4.67 -24.86
C ILE B 188 -2.55 3.80 -23.91
N PHE B 189 -1.81 3.06 -23.08
CA PHE B 189 -2.34 2.10 -22.13
C PHE B 189 -3.14 2.81 -21.05
N ARG B 190 -4.34 2.33 -20.76
CA ARG B 190 -5.07 2.95 -19.66
C ARG B 190 -5.55 1.99 -18.58
N ALA B 191 -5.82 0.73 -18.91
CA ALA B 191 -6.35 -0.21 -17.92
C ALA B 191 -6.05 -1.67 -18.28
N ALA B 192 -5.98 -2.50 -17.24
CA ALA B 192 -5.84 -3.95 -17.39
C ALA B 192 -7.21 -4.63 -17.27
N VAL B 193 -7.40 -5.72 -18.00
CA VAL B 193 -8.58 -6.57 -17.88
C VAL B 193 -8.16 -7.84 -17.14
N CYS B 194 -8.80 -8.11 -16.00
CA CYS B 194 -8.31 -9.10 -15.02
C CYS B 194 -9.29 -10.18 -14.63
N THR B 195 -8.72 -11.36 -14.48
CA THR B 195 -9.36 -12.54 -13.94
C THR B 195 -8.62 -12.84 -12.65
N ARG B 196 -9.24 -12.51 -11.52
CA ARG B 196 -8.68 -12.83 -10.21
C ARG B 196 -7.25 -12.30 -10.02
N GLY B 197 -7.01 -11.04 -10.39
CA GLY B 197 -5.72 -10.40 -10.17
C GLY B 197 -4.68 -10.65 -11.26
N VAL B 198 -5.04 -11.43 -12.27
CA VAL B 198 -4.14 -11.74 -13.36
C VAL B 198 -4.60 -11.00 -14.62
N ALA B 199 -3.74 -10.20 -15.21
CA ALA B 199 -4.13 -9.44 -16.40
C ALA B 199 -4.04 -10.35 -17.62
N LYS B 200 -5.15 -10.49 -18.34
CA LYS B 200 -5.17 -11.24 -19.60
C LYS B 200 -5.19 -10.31 -20.81
N ALA B 201 -5.68 -9.08 -20.63
CA ALA B 201 -5.78 -8.14 -21.74
C ALA B 201 -5.54 -6.72 -21.25
N VAL B 202 -5.35 -5.81 -22.20
CA VAL B 202 -5.13 -4.40 -21.88
C VAL B 202 -6.10 -3.52 -22.67
N ASP B 203 -6.59 -2.45 -22.03
CA ASP B 203 -7.43 -1.43 -22.67
C ASP B 203 -6.53 -0.23 -22.92
N PHE B 204 -6.67 0.39 -24.08
CA PHE B 204 -5.88 1.57 -24.42
C PHE B 204 -6.72 2.64 -25.09
N VAL B 205 -6.24 3.87 -25.01
CA VAL B 205 -6.85 4.98 -25.71
C VAL B 205 -6.27 4.97 -27.13
N PRO B 206 -7.09 4.66 -28.13
CA PRO B 206 -6.55 4.67 -29.50
C PRO B 206 -6.19 6.08 -30.01
N VAL B 207 -5.17 6.13 -30.86
CA VAL B 207 -4.77 7.38 -31.49
C VAL B 207 -5.92 8.14 -32.19
N GLU B 208 -6.92 7.42 -32.68
CA GLU B 208 -8.07 8.08 -33.31
C GLU B 208 -8.84 8.94 -32.31
N SER B 209 -8.91 8.48 -31.05
CA SER B 209 -9.52 9.27 -29.98
C SER B 209 -8.72 10.52 -29.68
N MET B 210 -7.41 10.41 -29.76
CA MET B 210 -6.55 11.60 -29.65
C MET B 210 -6.81 12.57 -30.81
N GLU B 211 -7.03 12.05 -32.02
CA GLU B 211 -7.28 12.93 -33.18
C GLU B 211 -8.61 13.64 -33.03
N THR B 212 -9.64 12.89 -32.67
CA THR B 212 -10.98 13.47 -32.38
C THR B 212 -10.93 14.54 -31.30
N THR B 213 -10.11 14.31 -30.28
CA THR B 213 -9.96 15.26 -29.18
C THR B 213 -9.24 16.53 -29.66
N MET B 214 -8.19 16.34 -30.46
CA MET B 214 -7.46 17.49 -31.01
C MET B 214 -8.35 18.34 -31.91
N ARG B 215 -9.24 17.69 -32.68
CA ARG B 215 -10.16 18.39 -33.58
C ARG B 215 -11.39 19.02 -32.90
N SER B 216 -11.64 18.69 -31.63
CA SER B 216 -12.74 19.33 -30.91
C SER B 216 -12.28 20.72 -30.48
N PRO B 217 -13.23 21.65 -30.29
CA PRO B 217 -12.86 23.00 -29.80
C PRO B 217 -12.49 23.03 -28.31
N VAL B 218 -11.35 23.63 -27.97
CA VAL B 218 -10.87 23.71 -26.58
C VAL B 218 -11.96 24.25 -25.64
N PHE B 219 -12.48 25.44 -25.93
CA PHE B 219 -13.52 26.08 -25.13
C PHE B 219 -14.86 25.85 -25.79
N THR B 220 -15.71 25.02 -25.19
CA THR B 220 -17.10 24.90 -25.63
C THR B 220 -17.97 25.57 -24.57
N ASP B 221 -18.86 26.46 -25.01
CA ASP B 221 -19.63 27.30 -24.10
C ASP B 221 -20.98 26.66 -23.72
N ASN B 222 -21.08 26.20 -22.47
CA ASN B 222 -22.29 25.56 -21.99
C ASN B 222 -23.01 26.38 -20.93
N SER B 223 -22.68 27.66 -20.82
CA SER B 223 -23.19 28.46 -19.69
C SER B 223 -24.66 28.89 -19.85
N SER B 224 -25.23 28.77 -21.05
CA SER B 224 -26.58 29.26 -21.32
C SER B 224 -27.53 28.11 -21.61
N PRO B 225 -28.78 28.22 -21.14
CA PRO B 225 -29.73 27.14 -21.43
C PRO B 225 -29.95 26.96 -22.93
N PRO B 226 -29.99 25.71 -23.39
CA PRO B 226 -30.25 25.48 -24.80
C PRO B 226 -31.72 25.65 -25.13
N ALA B 227 -32.01 25.98 -26.38
CA ALA B 227 -33.38 26.02 -26.86
C ALA B 227 -33.87 24.59 -27.00
N VAL B 228 -35.17 24.40 -26.91
CA VAL B 228 -35.75 23.07 -27.04
C VAL B 228 -35.55 22.64 -28.50
N PRO B 229 -34.92 21.48 -28.74
CA PRO B 229 -34.76 21.01 -30.11
C PRO B 229 -36.03 20.37 -30.67
N GLN B 230 -36.04 20.22 -32.00
CA GLN B 230 -37.15 19.56 -32.70
C GLN B 230 -37.28 18.10 -32.26
N SER B 231 -36.16 17.39 -32.21
CA SER B 231 -36.14 16.01 -31.70
C SER B 231 -35.15 15.88 -30.54
N PHE B 232 -35.30 14.76 -29.84
CA PHE B 232 -34.66 14.55 -28.54
C PHE B 232 -33.16 14.85 -28.51
N GLN B 233 -32.72 15.56 -27.48
CA GLN B 233 -31.31 15.79 -27.26
C GLN B 233 -30.96 15.92 -25.80
N VAL B 234 -29.72 15.51 -25.50
CA VAL B 234 -29.16 15.62 -24.17
C VAL B 234 -28.19 16.78 -24.24
N ALA B 235 -28.34 17.75 -23.34
CA ALA B 235 -27.45 18.89 -23.35
C ALA B 235 -26.85 19.08 -21.98
N HIS B 236 -25.67 19.72 -21.94
CA HIS B 236 -25.04 20.12 -20.70
C HIS B 236 -25.16 21.61 -20.41
N LEU B 237 -25.43 21.93 -19.14
CA LEU B 237 -25.48 23.27 -18.65
C LEU B 237 -24.50 23.43 -17.48
N HIS B 238 -23.43 24.17 -17.72
CA HIS B 238 -22.44 24.42 -16.73
C HIS B 238 -22.57 25.87 -16.32
N ALA B 239 -22.99 26.10 -15.08
CA ALA B 239 -23.26 27.45 -14.61
C ALA B 239 -23.18 27.45 -13.11
N PRO B 240 -22.83 28.61 -12.50
CA PRO B 240 -22.64 28.62 -11.05
C PRO B 240 -23.93 28.45 -10.28
N THR B 241 -23.82 28.13 -9.00
CA THR B 241 -24.96 28.18 -8.10
C THR B 241 -25.44 29.63 -8.02
N GLY B 242 -26.76 29.82 -8.03
CA GLY B 242 -27.35 31.16 -8.00
C GLY B 242 -27.55 31.75 -9.39
N SER B 243 -27.18 31.00 -10.41
CA SER B 243 -27.44 31.34 -11.80
C SER B 243 -28.87 30.98 -12.26
N GLY B 244 -29.65 30.36 -11.37
CA GLY B 244 -31.04 30.05 -11.68
C GLY B 244 -31.22 28.89 -12.62
N LYS B 245 -30.19 28.03 -12.72
CA LYS B 245 -30.32 26.71 -13.36
C LYS B 245 -31.60 25.98 -12.95
N SER B 246 -32.03 26.18 -11.70
CA SER B 246 -33.13 25.40 -11.10
C SER B 246 -34.40 26.21 -10.90
N THR B 247 -34.35 27.50 -11.20
CA THR B 247 -35.49 28.40 -10.98
C THR B 247 -35.75 29.22 -12.26
N LYS B 248 -34.86 30.16 -12.56
CA LYS B 248 -35.02 31.01 -13.73
C LYS B 248 -35.13 30.25 -15.06
N VAL B 249 -34.34 29.18 -15.26
CA VAL B 249 -34.42 28.51 -16.55
C VAL B 249 -35.70 27.69 -16.69
N PRO B 250 -36.03 26.82 -15.71
CA PRO B 250 -37.38 26.22 -15.77
C PRO B 250 -38.56 27.21 -15.93
N ALA B 251 -38.53 28.33 -15.23
CA ALA B 251 -39.57 29.36 -15.44
C ALA B 251 -39.63 29.76 -16.93
N ALA B 252 -38.48 30.09 -17.51
CA ALA B 252 -38.40 30.55 -18.91
C ALA B 252 -38.97 29.54 -19.88
N TYR B 253 -38.62 28.27 -19.69
CA TYR B 253 -39.21 27.19 -20.48
C TYR B 253 -40.71 27.10 -20.30
N ALA B 254 -41.21 27.18 -19.06
CA ALA B 254 -42.65 27.04 -18.86
C ALA B 254 -43.34 28.17 -19.62
N ALA B 255 -42.79 29.38 -19.50
CA ALA B 255 -43.31 30.55 -20.23
C ALA B 255 -43.39 30.32 -21.76
N GLN B 256 -42.47 29.53 -22.31
CA GLN B 256 -42.57 29.13 -23.72
C GLN B 256 -43.60 28.03 -23.93
N GLY B 257 -44.28 27.60 -22.88
CA GLY B 257 -45.31 26.58 -23.01
C GLY B 257 -44.88 25.12 -22.83
N TYR B 258 -43.69 24.87 -22.30
CA TYR B 258 -43.26 23.49 -22.07
C TYR B 258 -43.58 23.00 -20.65
N LYS B 259 -43.65 21.69 -20.51
CA LYS B 259 -43.72 21.06 -19.20
C LYS B 259 -42.35 20.53 -18.78
N VAL B 260 -41.96 20.81 -17.55
CA VAL B 260 -40.59 20.66 -17.13
C VAL B 260 -40.50 20.00 -15.74
N LEU B 261 -39.67 18.96 -15.68
CA LEU B 261 -39.33 18.26 -14.44
C LEU B 261 -37.91 18.66 -14.04
N VAL B 262 -37.74 19.01 -12.77
CA VAL B 262 -36.45 19.40 -12.23
C VAL B 262 -36.10 18.46 -11.09
N LEU B 263 -35.03 17.70 -11.29
CA LEU B 263 -34.56 16.71 -10.30
C LEU B 263 -33.36 17.24 -9.55
N ASN B 264 -33.37 17.02 -8.24
CA ASN B 264 -32.32 17.49 -7.35
C ASN B 264 -32.07 16.43 -6.26
N PRO B 265 -30.82 16.26 -5.78
CA PRO B 265 -30.58 15.25 -4.75
C PRO B 265 -31.13 15.59 -3.37
N SER B 266 -31.27 16.87 -3.08
CA SER B 266 -31.72 17.37 -1.76
C SER B 266 -33.22 17.54 -1.61
N VAL B 267 -33.76 16.96 -0.54
CA VAL B 267 -35.14 17.18 -0.14
C VAL B 267 -35.34 18.65 0.23
N ALA B 268 -34.41 19.18 1.02
CA ALA B 268 -34.51 20.56 1.47
C ALA B 268 -34.47 21.55 0.29
N ALA B 269 -33.56 21.34 -0.66
CA ALA B 269 -33.48 22.20 -1.82
C ALA B 269 -34.73 22.02 -2.72
N THR B 270 -35.21 20.78 -2.87
CA THR B 270 -36.42 20.53 -3.67
C THR B 270 -37.63 21.30 -3.11
N LEU B 271 -37.90 21.15 -1.82
CA LEU B 271 -38.99 21.86 -1.13
C LEU B 271 -38.81 23.37 -1.21
N GLY B 272 -37.58 23.83 -1.03
CA GLY B 272 -37.26 25.25 -1.11
C GLY B 272 -37.51 25.86 -2.48
N PHE B 273 -37.35 25.07 -3.53
CA PHE B 273 -37.54 25.62 -4.88
C PHE B 273 -39.02 26.04 -5.05
N GLY B 274 -39.94 25.31 -4.43
CA GLY B 274 -41.38 25.59 -4.55
C GLY B 274 -41.85 26.91 -3.96
N ALA B 275 -41.37 27.23 -2.76
CA ALA B 275 -41.66 28.52 -2.15
C ALA B 275 -41.03 29.69 -2.93
N TYR B 276 -39.83 29.47 -3.45
CA TYR B 276 -39.15 30.51 -4.22
C TYR B 276 -39.87 30.78 -5.52
N MET B 277 -40.44 29.74 -6.11
CA MET B 277 -41.01 29.83 -7.43
C MET B 277 -42.38 30.51 -7.42
N SER B 278 -43.22 30.16 -6.45
CA SER B 278 -44.53 30.81 -6.32
C SER B 278 -44.38 32.28 -5.93
N LYS B 279 -43.26 32.63 -5.28
CA LYS B 279 -42.94 34.02 -4.99
C LYS B 279 -42.32 34.75 -6.18
N ALA B 280 -41.19 34.23 -6.66
CA ALA B 280 -40.36 34.92 -7.64
C ALA B 280 -40.76 34.75 -9.11
N HIS B 281 -41.66 33.82 -9.42
CA HIS B 281 -42.02 33.60 -10.83
C HIS B 281 -43.49 33.26 -11.07
N GLY B 282 -44.33 33.43 -10.05
CA GLY B 282 -45.78 33.26 -10.22
C GLY B 282 -46.22 31.87 -10.67
N ILE B 283 -45.44 30.86 -10.32
CA ILE B 283 -45.83 29.47 -10.61
C ILE B 283 -45.87 28.70 -9.30
N ASP B 284 -46.95 27.96 -9.08
CA ASP B 284 -47.07 27.07 -7.92
C ASP B 284 -46.81 25.62 -8.36
N PRO B 285 -45.53 25.20 -8.30
CA PRO B 285 -45.17 23.95 -8.96
C PRO B 285 -45.60 22.73 -8.18
N ASN B 286 -45.66 21.60 -8.86
CA ASN B 286 -45.77 20.32 -8.18
C ASN B 286 -44.47 20.12 -7.42
N ILE B 287 -44.55 19.48 -6.25
CA ILE B 287 -43.39 19.17 -5.41
C ILE B 287 -43.51 17.72 -5.01
N ARG B 288 -42.45 16.94 -5.26
CA ARG B 288 -42.44 15.52 -4.92
C ARG B 288 -41.17 15.13 -4.14
N THR B 289 -41.37 14.71 -2.90
CA THR B 289 -40.33 14.13 -2.06
C THR B 289 -40.95 13.01 -1.24
N GLY B 290 -40.14 12.26 -0.52
CA GLY B 290 -40.63 11.17 0.33
C GLY B 290 -41.43 11.72 1.49
N VAL B 291 -41.00 12.85 2.03
CA VAL B 291 -41.65 13.45 3.21
C VAL B 291 -42.88 14.27 2.89
N ARG B 292 -42.98 14.77 1.65
CA ARG B 292 -44.07 15.66 1.29
C ARG B 292 -44.27 15.79 -0.22
N THR B 293 -45.52 15.61 -0.66
CA THR B 293 -45.91 15.83 -2.02
C THR B 293 -47.05 16.83 -2.12
N ILE B 294 -46.94 17.67 -3.15
CA ILE B 294 -47.94 18.66 -3.48
C ILE B 294 -48.19 18.64 -4.99
N THR B 295 -49.42 18.37 -5.38
CA THR B 295 -49.80 18.38 -6.78
C THR B 295 -50.78 19.51 -7.01
N THR B 296 -50.33 20.56 -7.70
CA THR B 296 -51.12 21.71 -8.16
C THR B 296 -51.58 21.68 -9.64
N GLY B 297 -51.17 20.66 -10.40
CA GLY B 297 -51.37 20.64 -11.85
C GLY B 297 -50.53 21.63 -12.66
N ALA B 298 -49.62 22.37 -12.01
CA ALA B 298 -48.79 23.34 -12.73
C ALA B 298 -47.89 22.64 -13.75
N PRO B 299 -47.32 23.40 -14.70
CA PRO B 299 -46.47 22.76 -15.72
C PRO B 299 -45.00 22.57 -15.31
N VAL B 300 -44.63 22.98 -14.10
CA VAL B 300 -43.29 22.72 -13.55
C VAL B 300 -43.38 21.82 -12.32
N THR B 301 -42.54 20.77 -12.28
CA THR B 301 -42.49 19.84 -11.18
C THR B 301 -41.07 19.74 -10.64
N TYR B 302 -40.91 19.85 -9.33
CA TYR B 302 -39.65 19.66 -8.65
C TYR B 302 -39.75 18.36 -7.90
N SER B 303 -38.74 17.50 -8.06
CA SER B 303 -38.69 16.21 -7.37
C SER B 303 -37.28 15.85 -6.98
N THR B 304 -37.13 15.06 -5.93
CA THR B 304 -35.83 14.46 -5.65
C THR B 304 -35.63 13.32 -6.62
N TYR B 305 -34.37 12.98 -6.86
CA TYR B 305 -34.08 11.80 -7.66
C TYR B 305 -34.67 10.52 -7.00
N GLY B 306 -34.59 10.43 -5.68
CA GLY B 306 -35.12 9.28 -4.95
C GLY B 306 -36.63 9.13 -5.13
N LYS B 307 -37.38 10.23 -4.97
CA LYS B 307 -38.85 10.19 -5.15
C LYS B 307 -39.24 9.87 -6.58
N PHE B 308 -38.47 10.40 -7.52
CA PHE B 308 -38.63 10.13 -8.94
C PHE B 308 -38.48 8.65 -9.25
N LEU B 309 -37.47 8.04 -8.63
CA LEU B 309 -37.29 6.59 -8.75
C LEU B 309 -38.45 5.84 -8.09
N ALA B 310 -38.90 6.27 -6.91
CA ALA B 310 -40.04 5.61 -6.23
C ALA B 310 -41.30 5.62 -7.05
N ASP B 311 -41.53 6.73 -7.75
CA ASP B 311 -42.65 6.91 -8.64
C ASP B 311 -42.50 6.17 -9.98
N GLY B 312 -41.44 5.40 -10.16
CA GLY B 312 -41.32 4.54 -11.35
C GLY B 312 -40.76 5.22 -12.59
N GLY B 313 -39.96 6.28 -12.41
CA GLY B 313 -39.24 6.88 -13.51
C GLY B 313 -40.12 7.78 -14.37
N CYS B 314 -39.81 7.86 -15.66
CA CYS B 314 -40.55 8.74 -16.56
C CYS B 314 -41.93 8.19 -16.83
N SER B 315 -42.95 9.02 -16.68
CA SER B 315 -44.30 8.65 -17.12
C SER B 315 -44.53 9.23 -18.51
N GLY B 316 -45.01 8.40 -19.42
CA GLY B 316 -45.18 8.80 -20.82
C GLY B 316 -45.97 10.09 -20.98
N GLY B 317 -45.42 11.01 -21.78
CA GLY B 317 -46.11 12.25 -22.13
C GLY B 317 -46.25 13.27 -21.03
N ALA B 318 -45.59 13.07 -19.89
CA ALA B 318 -45.74 14.00 -18.77
C ALA B 318 -44.85 15.23 -18.94
N TYR B 319 -43.67 15.05 -19.53
CA TYR B 319 -42.70 16.15 -19.56
C TYR B 319 -42.03 16.35 -20.91
N ASP B 320 -41.85 17.62 -21.28
CA ASP B 320 -41.10 18.00 -22.48
C ASP B 320 -39.62 18.15 -22.19
N ILE B 321 -39.31 18.65 -20.99
CA ILE B 321 -37.93 18.95 -20.60
C ILE B 321 -37.69 18.31 -19.25
N ILE B 322 -36.52 17.71 -19.07
CA ILE B 322 -36.12 17.16 -17.79
C ILE B 322 -34.77 17.75 -17.45
N ILE B 323 -34.68 18.50 -16.36
CA ILE B 323 -33.44 19.05 -15.89
C ILE B 323 -32.94 18.22 -14.70
N CYS B 324 -31.75 17.63 -14.88
CA CYS B 324 -31.10 16.83 -13.85
C CYS B 324 -30.06 17.74 -13.22
N ASP B 325 -30.41 18.27 -12.06
CA ASP B 325 -29.61 19.27 -11.42
C ASP B 325 -28.59 18.62 -10.48
N GLU B 326 -27.48 19.32 -10.24
CA GLU B 326 -26.35 18.78 -9.49
C GLU B 326 -25.93 17.42 -10.09
N CYS B 327 -25.80 17.38 -11.40
CA CYS B 327 -25.49 16.16 -12.11
C CYS B 327 -24.03 15.66 -11.94
N HIS B 328 -23.23 16.40 -11.18
CA HIS B 328 -21.88 16.00 -10.74
C HIS B 328 -21.92 15.02 -9.56
N SER B 329 -23.05 15.00 -8.86
CA SER B 329 -23.24 14.27 -7.63
C SER B 329 -23.09 12.74 -7.90
N THR B 330 -22.29 12.05 -7.07
CA THR B 330 -22.02 10.63 -7.30
C THR B 330 -22.54 9.72 -6.19
N ASP B 331 -23.51 10.19 -5.43
CA ASP B 331 -24.29 9.26 -4.61
C ASP B 331 -25.09 8.33 -5.57
N SER B 332 -25.50 7.17 -5.06
CA SER B 332 -26.12 6.16 -5.90
C SER B 332 -27.54 6.51 -6.35
N THR B 333 -28.30 7.23 -5.53
CA THR B 333 -29.64 7.64 -5.93
C THR B 333 -29.60 8.57 -7.15
N THR B 334 -28.66 9.52 -7.15
CA THR B 334 -28.54 10.46 -8.28
C THR B 334 -28.14 9.75 -9.56
N ILE B 335 -27.13 8.90 -9.48
CA ILE B 335 -26.63 8.17 -10.63
C ILE B 335 -27.75 7.31 -11.21
N LEU B 336 -28.44 6.61 -10.33
CA LEU B 336 -29.51 5.73 -10.76
C LEU B 336 -30.68 6.57 -11.32
N GLY B 337 -31.00 7.67 -10.65
CA GLY B 337 -32.00 8.62 -11.15
C GLY B 337 -31.65 9.12 -12.56
N ILE B 338 -30.41 9.57 -12.73
CA ILE B 338 -30.01 10.11 -14.01
C ILE B 338 -30.01 9.05 -15.08
N GLY B 339 -29.52 7.85 -14.77
CA GLY B 339 -29.55 6.78 -15.76
C GLY B 339 -30.96 6.42 -16.20
N THR B 340 -31.89 6.48 -15.26
CA THR B 340 -33.28 6.24 -15.55
C THR B 340 -33.77 7.28 -16.55
N VAL B 341 -33.50 8.55 -16.27
CA VAL B 341 -33.88 9.61 -17.19
C VAL B 341 -33.30 9.37 -18.58
N LEU B 342 -32.00 9.10 -18.65
CA LEU B 342 -31.30 8.90 -19.92
C LEU B 342 -31.84 7.69 -20.68
N ASP B 343 -32.27 6.67 -19.94
CA ASP B 343 -32.83 5.49 -20.58
C ASP B 343 -34.31 5.64 -21.04
N GLN B 344 -35.06 6.49 -20.34
CA GLN B 344 -36.52 6.51 -20.49
C GLN B 344 -37.08 7.74 -21.20
N ALA B 345 -36.39 8.86 -21.06
CA ALA B 345 -36.90 10.17 -21.49
C ALA B 345 -37.36 10.26 -22.95
N GLU B 346 -36.53 9.80 -23.89
CA GLU B 346 -36.88 9.91 -25.31
C GLU B 346 -38.20 9.19 -25.51
N THR B 347 -38.26 7.93 -25.07
CA THR B 347 -39.45 7.10 -25.15
C THR B 347 -40.68 7.64 -24.43
N ALA B 348 -40.49 8.37 -23.35
CA ALA B 348 -41.59 9.02 -22.64
C ALA B 348 -42.03 10.34 -23.28
N GLY B 349 -41.44 10.69 -24.42
CA GLY B 349 -41.90 11.84 -25.22
C GLY B 349 -41.16 13.15 -24.97
N ALA B 350 -40.14 13.11 -24.11
CA ALA B 350 -39.40 14.30 -23.84
C ALA B 350 -38.58 14.67 -25.06
N ARG B 351 -38.34 15.97 -25.23
CA ARG B 351 -37.48 16.49 -26.29
C ARG B 351 -36.10 16.95 -25.80
N LEU B 352 -35.97 17.21 -24.50
CA LEU B 352 -34.73 17.76 -23.95
C LEU B 352 -34.43 17.25 -22.54
N VAL B 353 -33.20 16.77 -22.36
CA VAL B 353 -32.67 16.47 -21.04
C VAL B 353 -31.52 17.40 -20.85
N VAL B 354 -31.51 18.08 -19.71
CA VAL B 354 -30.46 19.02 -19.40
C VAL B 354 -29.69 18.50 -18.19
N LEU B 355 -28.39 18.26 -18.39
CA LEU B 355 -27.51 17.83 -17.30
C LEU B 355 -26.78 19.03 -16.72
N ALA B 356 -27.19 19.41 -15.52
CA ALA B 356 -26.81 20.68 -14.95
C ALA B 356 -25.96 20.55 -13.71
N THR B 357 -24.85 21.28 -13.71
CA THR B 357 -23.95 21.36 -12.57
C THR B 357 -23.09 22.62 -12.68
N ALA B 358 -22.61 23.11 -11.54
CA ALA B 358 -21.57 24.14 -11.49
C ALA B 358 -20.16 23.54 -11.52
N THR B 359 -20.04 22.24 -11.27
CA THR B 359 -18.74 21.58 -11.19
C THR B 359 -18.66 20.28 -12.00
N PRO B 360 -18.57 20.39 -13.32
CA PRO B 360 -18.56 19.19 -14.17
C PRO B 360 -17.24 18.42 -14.04
N PRO B 361 -17.19 17.20 -14.60
CA PRO B 361 -15.98 16.41 -14.50
C PRO B 361 -14.75 17.11 -15.10
N GLY B 362 -13.68 17.17 -14.37
CA GLY B 362 -12.46 17.79 -14.84
C GLY B 362 -12.36 19.24 -14.38
N SER B 363 -13.39 19.74 -13.70
CA SER B 363 -13.37 21.09 -13.19
C SER B 363 -12.39 21.17 -12.01
N VAL B 364 -11.95 22.40 -11.78
CA VAL B 364 -10.95 22.73 -10.77
C VAL B 364 -11.50 23.90 -9.93
N THR B 365 -11.11 23.97 -8.67
CA THR B 365 -11.53 25.10 -7.84
C THR B 365 -10.64 26.30 -8.17
N VAL B 366 -11.28 27.42 -8.55
CA VAL B 366 -10.58 28.68 -8.83
C VAL B 366 -11.12 29.78 -7.94
N PRO B 367 -10.33 30.87 -7.75
CA PRO B 367 -10.76 32.01 -6.93
C PRO B 367 -12.17 32.45 -7.21
N HIS B 368 -12.85 32.86 -6.15
CA HIS B 368 -14.21 33.37 -6.21
C HIS B 368 -14.14 34.82 -5.72
N PRO B 369 -14.87 35.74 -6.37
CA PRO B 369 -14.86 37.16 -5.97
C PRO B 369 -15.37 37.44 -4.54
N ASN B 370 -16.54 36.90 -4.19
CA ASN B 370 -17.14 37.04 -2.87
C ASN B 370 -16.40 36.38 -1.70
N ILE B 371 -15.27 35.69 -1.92
CA ILE B 371 -14.72 34.81 -0.88
C ILE B 371 -13.23 34.92 -0.64
N GLU B 372 -12.87 35.32 0.56
CA GLU B 372 -11.47 35.45 0.91
C GLU B 372 -11.08 34.11 1.48
N GLU B 373 -9.96 33.59 1.02
CA GLU B 373 -9.50 32.27 1.42
C GLU B 373 -8.26 32.38 2.26
N VAL B 374 -8.31 31.83 3.47
CA VAL B 374 -7.23 31.98 4.45
C VAL B 374 -6.84 30.67 5.13
N ALA B 375 -5.56 30.31 4.99
CA ALA B 375 -5.07 29.07 5.53
C ALA B 375 -5.07 29.12 7.04
N LEU B 376 -5.44 28.02 7.65
CA LEU B 376 -5.34 27.86 9.08
C LEU B 376 -3.87 27.72 9.41
N SER B 377 -3.49 28.18 10.60
CA SER B 377 -2.13 28.01 11.06
C SER B 377 -2.19 27.12 12.28
N ASN B 378 -1.09 27.12 13.04
CA ASN B 378 -1.04 26.40 14.29
C ASN B 378 -1.41 27.28 15.50
N THR B 379 -1.67 28.55 15.27
CA THR B 379 -2.03 29.43 16.38
C THR B 379 -3.56 29.46 16.52
N GLY B 380 -4.05 29.26 17.74
CA GLY B 380 -5.47 29.33 18.01
C GLY B 380 -5.80 28.38 19.13
N GLU B 381 -6.93 28.61 19.78
CA GLU B 381 -7.28 27.89 20.98
C GLU B 381 -7.87 26.52 20.62
N ILE B 382 -8.35 26.36 19.40
CA ILE B 382 -9.13 25.17 19.04
C ILE B 382 -8.33 24.26 18.11
N PRO B 383 -7.93 23.07 18.58
CA PRO B 383 -7.23 22.16 17.66
C PRO B 383 -8.18 21.72 16.55
N PHE B 384 -7.64 21.51 15.36
CA PHE B 384 -8.47 21.12 14.23
C PHE B 384 -7.59 20.48 13.17
N TYR B 385 -7.63 19.15 13.12
CA TYR B 385 -6.99 18.37 12.06
C TYR B 385 -5.51 18.71 11.92
N GLY B 386 -4.82 18.85 13.06
CA GLY B 386 -3.39 19.16 13.06
C GLY B 386 -3.08 20.64 13.03
N LYS B 387 -4.06 21.46 12.65
CA LYS B 387 -3.91 22.92 12.75
C LYS B 387 -4.76 23.45 13.90
N ALA B 388 -5.15 24.71 13.85
CA ALA B 388 -5.88 25.34 14.94
C ALA B 388 -6.84 26.41 14.44
N ILE B 389 -7.88 26.65 15.23
CA ILE B 389 -8.88 27.68 14.96
C ILE B 389 -8.87 28.71 16.10
N PRO B 390 -8.59 29.99 15.79
CA PRO B 390 -8.75 31.04 16.80
C PRO B 390 -10.22 31.19 17.18
N ILE B 391 -10.46 31.24 18.48
CA ILE B 391 -11.80 31.45 19.01
C ILE B 391 -12.43 32.75 18.43
N GLU B 392 -11.59 33.75 18.19
CA GLU B 392 -11.99 35.04 17.56
C GLU B 392 -12.56 34.92 16.15
N ALA B 393 -12.13 33.92 15.39
CA ALA B 393 -12.68 33.70 14.04
C ALA B 393 -14.13 33.19 14.08
N ILE B 394 -14.58 32.65 15.20
CA ILE B 394 -15.93 32.07 15.28
C ILE B 394 -16.80 32.49 16.46
N ARG B 395 -16.32 33.44 17.26
CA ARG B 395 -16.96 33.75 18.52
C ARG B 395 -18.37 34.32 18.28
N GLY B 396 -18.47 35.32 17.43
CA GLY B 396 -19.80 35.77 16.97
C GLY B 396 -20.04 35.50 15.50
N GLY B 397 -21.29 35.60 15.07
CA GLY B 397 -21.66 35.34 13.70
C GLY B 397 -22.15 33.92 13.51
N ARG B 398 -22.28 33.53 12.25
CA ARG B 398 -22.79 32.21 11.86
C ARG B 398 -21.72 31.56 11.00
N HIS B 399 -21.19 30.44 11.49
CA HIS B 399 -20.04 29.75 10.90
C HIS B 399 -20.30 28.28 10.69
N LEU B 400 -19.78 27.73 9.59
CA LEU B 400 -19.88 26.29 9.29
C LEU B 400 -18.50 25.63 9.31
N ILE B 401 -18.36 24.55 10.08
CA ILE B 401 -17.13 23.78 10.15
C ILE B 401 -17.39 22.34 9.64
N PHE B 402 -16.74 21.98 8.54
CA PHE B 402 -16.92 20.65 7.94
C PHE B 402 -15.87 19.72 8.54
N CYS B 403 -16.36 18.65 9.17
CA CYS B 403 -15.55 17.52 9.64
C CYS B 403 -15.89 16.26 8.82
N HIS B 404 -14.95 15.32 8.77
CA HIS B 404 -15.10 14.06 8.02
C HIS B 404 -16.02 13.02 8.67
N SER B 405 -16.17 13.05 9.99
CA SER B 405 -16.98 12.04 10.70
C SER B 405 -17.89 12.64 11.77
N LYS B 406 -18.93 11.91 12.13
CA LYS B 406 -19.82 12.44 13.15
C LYS B 406 -19.17 12.48 14.52
N LYS B 407 -18.23 11.57 14.75
CA LYS B 407 -17.52 11.54 16.01
C LYS B 407 -16.77 12.86 16.22
N LYS B 408 -16.08 13.32 15.18
CA LYS B 408 -15.40 14.61 15.20
C LYS B 408 -16.37 15.76 15.42
N CYS B 409 -17.49 15.73 14.71
CA CYS B 409 -18.52 16.73 14.90
C CYS B 409 -19.02 16.85 16.34
N ASP B 410 -19.30 15.69 16.94
CA ASP B 410 -19.79 15.62 18.29
C ASP B 410 -18.76 16.19 19.23
N GLU B 411 -17.51 15.78 19.07
CA GLU B 411 -16.51 16.25 20.01
C GLU B 411 -16.19 17.74 19.86
N LEU B 412 -16.10 18.23 18.62
CA LEU B 412 -15.75 19.63 18.39
C LEU B 412 -16.90 20.52 18.86
N ALA B 413 -18.14 20.08 18.63
CA ALA B 413 -19.30 20.82 19.13
C ALA B 413 -19.34 20.89 20.66
N ALA B 414 -19.04 19.76 21.31
CA ALA B 414 -18.97 19.71 22.79
C ALA B 414 -17.87 20.65 23.30
N LYS B 415 -16.73 20.66 22.62
CA LYS B 415 -15.67 21.58 23.00
C LYS B 415 -16.13 23.05 22.89
N LEU B 416 -16.76 23.39 21.77
CA LEU B 416 -17.13 24.78 21.55
C LEU B 416 -18.21 25.21 22.56
N SER B 417 -19.16 24.31 22.82
CA SER B 417 -20.22 24.55 23.82
C SER B 417 -19.64 24.76 25.22
N GLY B 418 -18.59 24.01 25.55
CA GLY B 418 -17.88 24.12 26.84
C GLY B 418 -17.22 25.47 27.01
N LEU B 419 -16.81 26.08 25.91
CA LEU B 419 -16.24 27.44 25.88
C LEU B 419 -17.31 28.54 25.76
N GLY B 420 -18.58 28.18 25.95
CA GLY B 420 -19.70 29.15 25.87
C GLY B 420 -20.14 29.57 24.48
N ILE B 421 -19.52 29.00 23.46
CA ILE B 421 -19.92 29.29 22.09
C ILE B 421 -21.14 28.48 21.73
N ASN B 422 -22.15 29.14 21.16
CA ASN B 422 -23.37 28.46 20.71
C ASN B 422 -23.03 27.57 19.50
N ALA B 423 -23.00 26.27 19.74
CA ALA B 423 -22.54 25.32 18.73
C ALA B 423 -23.41 24.10 18.67
N VAL B 424 -23.56 23.57 17.48
CA VAL B 424 -24.40 22.41 17.29
C VAL B 424 -23.78 21.52 16.23
N ALA B 425 -24.04 20.22 16.35
CA ALA B 425 -23.53 19.21 15.42
C ALA B 425 -24.64 18.81 14.49
N TYR B 426 -24.29 18.63 13.21
CA TYR B 426 -25.22 18.03 12.25
C TYR B 426 -24.58 16.97 11.35
N TYR B 427 -25.29 15.86 11.22
CA TYR B 427 -24.86 14.75 10.39
C TYR B 427 -26.05 13.78 10.18
N ARG B 428 -25.86 12.80 9.32
CA ARG B 428 -26.95 11.88 8.95
C ARG B 428 -27.56 11.27 10.21
N GLY B 429 -28.88 11.31 10.30
CA GLY B 429 -29.60 10.80 11.45
C GLY B 429 -30.19 11.86 12.36
N LEU B 430 -29.61 13.06 12.37
CA LEU B 430 -30.15 14.16 13.19
C LEU B 430 -31.19 14.90 12.36
N ASP B 431 -32.19 15.48 13.03
CA ASP B 431 -33.12 16.37 12.34
C ASP B 431 -32.52 17.77 12.17
N VAL B 432 -32.76 18.39 11.01
CA VAL B 432 -32.15 19.67 10.71
C VAL B 432 -32.53 20.78 11.67
N SER B 433 -33.67 20.60 12.37
CA SER B 433 -34.16 21.53 13.35
C SER B 433 -33.13 21.84 14.45
N VAL B 434 -32.12 20.99 14.59
CA VAL B 434 -31.00 21.30 15.49
C VAL B 434 -30.23 22.58 15.07
N ILE B 435 -30.35 22.98 13.79
CA ILE B 435 -30.04 24.38 13.28
C ILE B 435 -29.32 25.34 14.22
N PRO B 436 -29.88 26.55 14.57
CA PRO B 436 -31.07 27.46 14.57
C PRO B 436 -31.71 28.16 13.33
N THR B 437 -30.95 28.65 12.36
CA THR B 437 -31.55 29.42 11.20
C THR B 437 -31.48 30.92 11.43
N ILE B 438 -31.48 31.31 12.69
CA ILE B 438 -31.36 32.71 13.05
C ILE B 438 -30.44 32.80 14.27
N GLY B 439 -29.57 33.79 14.28
CA GLY B 439 -28.74 34.07 15.47
C GLY B 439 -27.39 33.41 15.35
N ASP B 440 -26.51 33.77 16.28
CA ASP B 440 -25.14 33.30 16.31
C ASP B 440 -25.09 31.78 16.48
N VAL B 441 -24.25 31.11 15.69
CA VAL B 441 -24.06 29.66 15.81
C VAL B 441 -22.80 29.23 15.07
N VAL B 442 -22.18 28.17 15.60
CA VAL B 442 -21.17 27.43 14.86
C VAL B 442 -21.79 26.05 14.58
N VAL B 443 -21.98 25.74 13.30
CA VAL B 443 -22.46 24.43 12.91
C VAL B 443 -21.24 23.55 12.57
N VAL B 444 -21.16 22.39 13.21
CA VAL B 444 -20.12 21.43 12.95
C VAL B 444 -20.77 20.25 12.26
N ALA B 445 -20.45 20.06 10.99
CA ALA B 445 -21.20 19.12 10.17
C ALA B 445 -20.34 18.28 9.25
N THR B 446 -20.88 17.13 8.89
CA THR B 446 -20.40 16.32 7.80
C THR B 446 -21.08 16.81 6.56
N ASP B 447 -20.76 16.17 5.43
CA ASP B 447 -21.37 16.48 4.13
C ASP B 447 -22.86 16.24 4.03
N ALA B 448 -23.45 15.59 5.03
CA ALA B 448 -24.89 15.42 5.07
C ALA B 448 -25.60 16.80 5.05
N LEU B 449 -24.93 17.82 5.60
CA LEU B 449 -25.38 19.20 5.57
C LEU B 449 -25.81 19.62 4.16
N MET B 450 -25.01 19.23 3.17
CA MET B 450 -25.22 19.64 1.77
C MET B 450 -26.65 19.33 1.32
N THR B 451 -27.14 18.17 1.72
CA THR B 451 -28.46 17.70 1.35
C THR B 451 -29.55 17.97 2.41
N GLY B 452 -29.18 18.27 3.65
CA GLY B 452 -30.17 18.49 4.70
C GLY B 452 -30.62 19.93 4.94
N TYR B 453 -29.81 20.91 4.55
CA TYR B 453 -29.98 22.29 4.97
C TYR B 453 -29.47 23.19 3.87
N THR B 454 -30.26 24.19 3.47
CA THR B 454 -29.91 25.02 2.29
C THR B 454 -29.24 26.39 2.56
N GLY B 455 -29.09 26.77 3.82
CA GLY B 455 -28.59 28.11 4.15
C GLY B 455 -27.09 28.33 3.95
N ASP B 456 -26.68 29.59 4.01
CA ASP B 456 -25.30 30.02 3.86
C ASP B 456 -24.76 30.56 5.19
N PHE B 457 -23.49 30.94 5.20
CA PHE B 457 -22.77 31.27 6.43
C PHE B 457 -21.75 32.36 6.18
N ASP B 458 -21.38 33.05 7.27
CA ASP B 458 -20.29 34.08 7.25
C ASP B 458 -18.93 33.50 6.92
N SER B 459 -18.65 32.29 7.41
CA SER B 459 -17.43 31.60 7.08
C SER B 459 -17.65 30.09 7.04
N VAL B 460 -16.80 29.44 6.25
CA VAL B 460 -16.69 27.98 6.23
C VAL B 460 -15.25 27.65 6.59
N ILE B 461 -15.11 26.73 7.55
CA ILE B 461 -13.84 26.13 7.88
C ILE B 461 -13.90 24.65 7.47
N ASP B 462 -12.89 24.20 6.73
CA ASP B 462 -12.91 22.90 6.01
C ASP B 462 -11.72 22.06 6.39
N CYS B 463 -11.97 20.88 6.97
CA CYS B 463 -10.92 19.87 7.22
C CYS B 463 -10.26 19.34 5.93
N ASN B 464 -10.91 19.55 4.78
CA ASN B 464 -10.42 19.13 3.44
C ASN B 464 -10.32 17.62 3.22
N THR B 465 -10.95 16.83 4.07
CA THR B 465 -11.00 15.37 3.93
C THR B 465 -12.46 14.91 3.96
N CYS B 466 -12.68 13.70 3.40
CA CYS B 466 -13.99 13.06 3.24
C CYS B 466 -13.83 11.59 3.55
N VAL B 467 -14.88 10.98 4.10
CA VAL B 467 -14.95 9.55 4.25
C VAL B 467 -15.50 9.01 2.93
N THR B 468 -14.90 7.93 2.43
CA THR B 468 -15.42 7.26 1.24
C THR B 468 -15.36 5.74 1.36
N GLN B 469 -16.04 5.06 0.45
CA GLN B 469 -16.05 3.61 0.42
C GLN B 469 -15.41 3.13 -0.88
N THR B 470 -14.57 2.13 -0.77
CA THR B 470 -13.92 1.58 -1.92
C THR B 470 -14.04 0.05 -1.86
N VAL B 471 -14.25 -0.56 -3.01
CA VAL B 471 -14.26 -2.03 -3.09
C VAL B 471 -12.84 -2.55 -3.26
N ASP B 472 -12.53 -3.61 -2.53
CA ASP B 472 -11.27 -4.34 -2.67
C ASP B 472 -11.70 -5.75 -3.10
N PHE B 473 -11.24 -6.21 -4.27
CA PHE B 473 -11.59 -7.53 -4.79
C PHE B 473 -10.60 -8.52 -4.19
N SER B 474 -10.79 -8.79 -2.90
CA SER B 474 -9.76 -9.37 -2.05
C SER B 474 -9.76 -10.90 -2.04
N LEU B 475 -10.79 -11.53 -2.61
CA LEU B 475 -10.83 -12.99 -2.78
C LEU B 475 -10.69 -13.76 -1.47
N ASP B 476 -11.28 -13.20 -0.43
CA ASP B 476 -11.07 -13.72 0.91
C ASP B 476 -12.34 -13.86 1.71
N PRO B 477 -13.37 -14.50 1.14
CA PRO B 477 -13.38 -15.24 -0.13
C PRO B 477 -13.78 -14.48 -1.37
N THR B 478 -14.39 -13.31 -1.22
CA THR B 478 -15.03 -12.66 -2.35
C THR B 478 -14.52 -11.20 -2.53
N PHE B 479 -15.27 -10.21 -2.03
CA PHE B 479 -14.82 -8.81 -2.03
C PHE B 479 -15.00 -8.21 -0.66
N THR B 480 -14.49 -6.98 -0.50
CA THR B 480 -14.53 -6.23 0.73
C THR B 480 -14.93 -4.77 0.40
N ILE B 481 -15.79 -4.19 1.23
CA ILE B 481 -16.09 -2.78 1.12
C ILE B 481 -15.37 -2.14 2.27
N GLU B 482 -14.42 -1.27 1.95
CA GLU B 482 -13.54 -0.59 2.93
C GLU B 482 -14.04 0.86 3.03
N THR B 483 -14.06 1.37 4.26
CA THR B 483 -14.38 2.75 4.55
C THR B 483 -13.05 3.44 4.86
N THR B 484 -12.71 4.46 4.07
CA THR B 484 -11.46 5.20 4.27
C THR B 484 -11.69 6.71 4.31
N THR B 485 -10.77 7.41 4.97
CA THR B 485 -10.72 8.87 4.96
C THR B 485 -9.73 9.31 3.91
N VAL B 486 -10.16 10.16 2.98
CA VAL B 486 -9.33 10.56 1.84
C VAL B 486 -9.35 12.09 1.70
N PRO B 487 -8.35 12.65 1.01
CA PRO B 487 -8.39 14.06 0.62
C PRO B 487 -9.56 14.34 -0.28
N GLN B 488 -10.15 15.51 -0.09
CA GLN B 488 -11.34 15.90 -0.85
C GLN B 488 -10.98 16.13 -2.32
N ASP B 489 -11.98 16.00 -3.18
CA ASP B 489 -11.77 16.34 -4.57
C ASP B 489 -12.25 17.75 -4.81
N ALA B 490 -12.17 18.20 -6.05
CA ALA B 490 -12.43 19.59 -6.39
C ALA B 490 -13.91 19.95 -6.33
N VAL B 491 -14.77 18.95 -6.53
CA VAL B 491 -16.20 19.13 -6.32
C VAL B 491 -16.48 19.40 -4.83
N SER B 492 -15.92 18.56 -3.95
CA SER B 492 -16.10 18.71 -2.49
C SER B 492 -15.66 20.10 -2.06
N ARG B 493 -14.48 20.51 -2.52
CA ARG B 493 -13.86 21.73 -2.04
C ARG B 493 -14.72 22.88 -2.48
N SER B 494 -15.16 22.85 -3.74
CA SER B 494 -16.03 23.89 -4.28
C SER B 494 -17.41 23.95 -3.63
N GLN B 495 -17.99 22.79 -3.37
CA GLN B 495 -19.33 22.73 -2.72
C GLN B 495 -19.29 23.15 -1.26
N ARG B 496 -18.22 22.79 -0.56
CA ARG B 496 -18.08 23.19 0.85
C ARG B 496 -17.81 24.69 0.96
N ARG B 497 -16.93 25.19 0.12
CA ARG B 497 -16.62 26.62 0.11
C ARG B 497 -17.83 27.43 -0.33
N GLY B 498 -18.60 26.91 -1.27
CA GLY B 498 -19.79 27.58 -1.76
C GLY B 498 -20.90 27.78 -0.74
N ARG B 499 -20.73 27.29 0.47
CA ARG B 499 -21.67 27.60 1.54
C ARG B 499 -21.42 28.97 2.20
N THR B 500 -20.42 29.69 1.72
CA THR B 500 -20.18 31.09 2.11
C THR B 500 -20.03 31.88 0.82
N GLY B 501 -20.16 33.21 0.93
CA GLY B 501 -19.95 34.11 -0.21
C GLY B 501 -21.06 34.14 -1.22
N ARG B 502 -22.29 33.86 -0.81
CA ARG B 502 -23.46 33.83 -1.70
C ARG B 502 -24.13 35.20 -1.69
N GLY B 503 -23.90 36.00 -2.72
CA GLY B 503 -24.47 37.35 -2.79
C GLY B 503 -24.10 38.23 -1.60
N ARG B 504 -22.99 37.89 -0.93
CA ARG B 504 -22.47 38.68 0.18
C ARG B 504 -21.06 38.21 0.46
N ARG B 505 -20.34 38.90 1.34
CA ARG B 505 -18.92 38.61 1.56
C ARG B 505 -18.74 37.40 2.49
N GLY B 506 -17.69 36.60 2.22
CA GLY B 506 -17.48 35.36 2.97
C GLY B 506 -16.03 35.02 3.11
N ILE B 507 -15.74 34.12 4.04
CA ILE B 507 -14.39 33.68 4.29
C ILE B 507 -14.33 32.14 4.31
N TYR B 508 -13.34 31.59 3.62
CA TYR B 508 -13.07 30.13 3.58
C TYR B 508 -11.73 29.89 4.20
N ARG B 509 -11.72 29.17 5.33
CA ARG B 509 -10.50 28.76 5.98
C ARG B 509 -10.31 27.27 5.80
N PHE B 510 -9.06 26.88 5.59
CA PHE B 510 -8.76 25.49 5.24
C PHE B 510 -7.49 25.00 5.87
N VAL B 511 -7.42 23.68 6.01
CA VAL B 511 -6.26 23.01 6.58
C VAL B 511 -5.22 22.73 5.50
N THR B 512 -5.67 22.31 4.32
CA THR B 512 -4.80 21.90 3.20
C THR B 512 -5.28 22.54 1.89
N PRO B 513 -4.32 23.03 1.06
CA PRO B 513 -4.65 23.69 -0.21
C PRO B 513 -4.93 22.74 -1.40
N GLY B 514 -4.55 21.47 -1.29
CA GLY B 514 -4.81 20.54 -2.39
C GLY B 514 -6.27 20.24 -2.73
N GLU B 515 -6.46 19.55 -3.84
CA GLU B 515 -7.74 18.91 -4.17
C GLU B 515 -7.50 17.80 -5.19
N ARG B 516 -8.02 16.60 -4.91
CA ARG B 516 -7.95 15.49 -5.86
C ARG B 516 -8.75 15.85 -7.12
N PRO B 517 -8.46 15.17 -8.24
CA PRO B 517 -9.29 15.40 -9.44
C PRO B 517 -10.75 14.97 -9.30
N SER B 518 -11.62 15.71 -9.97
CA SER B 518 -13.04 15.54 -9.85
C SER B 518 -13.55 14.66 -10.96
N GLY B 519 -14.73 14.10 -10.76
CA GLY B 519 -15.46 13.45 -11.84
C GLY B 519 -15.32 11.95 -11.91
N MET B 520 -14.68 11.34 -10.91
CA MET B 520 -14.46 9.89 -10.88
C MET B 520 -15.13 9.30 -9.64
N PHE B 521 -15.75 8.13 -9.77
CA PHE B 521 -16.27 7.43 -8.59
C PHE B 521 -15.92 5.92 -8.59
N ASP B 522 -15.91 5.34 -7.40
CA ASP B 522 -15.44 3.99 -7.19
C ASP B 522 -16.52 2.94 -7.56
N SER B 523 -16.07 1.74 -7.88
CA SER B 523 -16.95 0.63 -8.18
C SER B 523 -17.95 0.31 -7.05
N SER B 524 -17.59 0.64 -5.80
CA SER B 524 -18.50 0.47 -4.69
C SER B 524 -19.80 1.24 -4.90
N VAL B 525 -19.75 2.36 -5.62
CA VAL B 525 -20.95 3.12 -5.86
C VAL B 525 -21.86 2.36 -6.80
N LEU B 526 -21.29 1.63 -7.75
CA LEU B 526 -22.07 0.76 -8.61
C LEU B 526 -22.77 -0.31 -7.73
N CYS B 527 -22.03 -0.92 -6.82
CA CYS B 527 -22.61 -1.92 -5.91
C CYS B 527 -23.77 -1.29 -5.12
N GLU B 528 -23.58 -0.05 -4.67
CA GLU B 528 -24.63 0.66 -3.94
C GLU B 528 -25.88 0.88 -4.80
N CYS B 529 -25.68 1.13 -6.09
CA CYS B 529 -26.80 1.27 -7.03
C CYS B 529 -27.60 -0.03 -7.14
N TYR B 530 -26.93 -1.18 -7.31
CA TYR B 530 -27.66 -2.45 -7.40
C TYR B 530 -28.40 -2.66 -6.08
N ASP B 531 -27.70 -2.41 -4.97
CA ASP B 531 -28.27 -2.58 -3.62
C ASP B 531 -29.56 -1.77 -3.43
N ALA B 532 -29.50 -0.51 -3.82
CA ALA B 532 -30.65 0.37 -3.69
C ALA B 532 -31.76 -0.02 -4.68
N GLY B 533 -31.39 -0.42 -5.88
CA GLY B 533 -32.39 -0.94 -6.83
C GLY B 533 -33.22 -2.04 -6.20
N CYS B 534 -32.52 -2.94 -5.51
CA CYS B 534 -33.13 -4.12 -4.92
C CYS B 534 -33.84 -3.74 -3.65
N ALA B 535 -33.25 -2.84 -2.86
CA ALA B 535 -33.80 -2.56 -1.52
C ALA B 535 -34.98 -1.59 -1.55
N TRP B 536 -34.91 -0.58 -2.43
CA TRP B 536 -35.86 0.53 -2.36
C TRP B 536 -36.72 0.66 -3.62
N TYR B 537 -36.16 0.42 -4.81
CA TYR B 537 -36.85 0.80 -6.05
C TYR B 537 -37.42 -0.35 -6.83
N GLU B 538 -37.41 -1.55 -6.25
CA GLU B 538 -37.99 -2.71 -6.91
C GLU B 538 -37.43 -2.94 -8.30
N LEU B 539 -36.12 -2.78 -8.41
CA LEU B 539 -35.46 -2.98 -9.68
C LEU B 539 -34.74 -4.30 -9.66
N THR B 540 -34.96 -5.09 -10.72
CA THR B 540 -34.12 -6.26 -10.91
C THR B 540 -32.68 -5.78 -11.20
N PRO B 541 -31.66 -6.59 -10.85
CA PRO B 541 -30.30 -6.27 -11.27
C PRO B 541 -30.17 -6.00 -12.75
N ALA B 542 -30.84 -6.79 -13.61
CA ALA B 542 -30.83 -6.53 -15.06
C ALA B 542 -31.37 -5.13 -15.42
N GLU B 543 -32.44 -4.71 -14.74
CA GLU B 543 -33.01 -3.40 -14.98
C GLU B 543 -32.08 -2.31 -14.49
N THR B 544 -31.47 -2.51 -13.31
CA THR B 544 -30.46 -1.56 -12.84
C THR B 544 -29.35 -1.41 -13.88
N SER B 545 -28.92 -2.53 -14.47
CA SER B 545 -27.86 -2.49 -15.50
C SER B 545 -28.23 -1.64 -16.71
N VAL B 546 -29.48 -1.74 -17.18
CA VAL B 546 -29.92 -0.96 -18.35
C VAL B 546 -29.81 0.54 -18.03
N ARG B 547 -30.23 0.91 -16.84
CA ARG B 547 -30.20 2.31 -16.43
C ARG B 547 -28.77 2.84 -16.22
N LEU B 548 -27.95 2.05 -15.54
CA LEU B 548 -26.52 2.41 -15.42
C LEU B 548 -25.78 2.44 -16.75
N ARG B 549 -26.09 1.52 -17.68
CA ARG B 549 -25.45 1.56 -18.99
C ARG B 549 -25.72 2.89 -19.68
N ALA B 550 -26.96 3.37 -19.55
CA ALA B 550 -27.32 4.66 -20.17
C ALA B 550 -26.50 5.80 -19.58
N TYR B 551 -26.29 5.76 -18.27
CA TYR B 551 -25.43 6.72 -17.60
C TYR B 551 -24.00 6.63 -18.10
N LEU B 552 -23.42 5.45 -18.00
CA LEU B 552 -22.04 5.23 -18.44
C LEU B 552 -21.83 5.62 -19.88
N ASN B 553 -22.76 5.25 -20.76
CA ASN B 553 -22.65 5.56 -22.18
C ASN B 553 -22.89 7.03 -22.54
N THR B 554 -23.33 7.84 -21.59
CA THR B 554 -23.64 9.22 -21.90
C THR B 554 -22.39 10.00 -21.52
N PRO B 555 -21.79 10.77 -22.46
CA PRO B 555 -20.59 11.57 -22.15
C PRO B 555 -20.86 12.83 -21.34
N GLY B 556 -19.83 13.31 -20.64
CA GLY B 556 -19.91 14.54 -19.88
C GLY B 556 -20.32 14.36 -18.43
N LEU B 557 -20.55 13.12 -18.05
CA LEU B 557 -20.93 12.78 -16.70
C LEU B 557 -19.73 12.20 -15.94
N PRO B 558 -19.82 12.14 -14.61
CA PRO B 558 -18.80 11.45 -13.82
C PRO B 558 -18.57 10.03 -14.34
N VAL B 559 -17.37 9.50 -14.14
CA VAL B 559 -16.96 8.26 -14.78
C VAL B 559 -16.53 7.23 -13.79
N CYS B 560 -16.55 5.99 -14.23
CA CYS B 560 -16.22 4.85 -13.38
C CYS B 560 -15.77 3.68 -14.24
N GLN B 561 -15.11 2.69 -13.62
CA GLN B 561 -14.76 1.48 -14.35
C GLN B 561 -16.04 0.68 -14.62
N ASP B 562 -16.09 0.03 -15.77
CA ASP B 562 -17.29 -0.72 -16.16
C ASP B 562 -17.32 -2.06 -15.48
N HIS B 563 -17.90 -2.10 -14.28
CA HIS B 563 -18.08 -3.36 -13.55
C HIS B 563 -19.58 -3.77 -13.47
N LEU B 564 -20.39 -3.28 -14.40
CA LEU B 564 -21.84 -3.56 -14.41
C LEU B 564 -22.11 -5.10 -14.44
N GLU B 565 -21.54 -5.81 -15.38
CA GLU B 565 -21.81 -7.30 -15.47
C GLU B 565 -21.42 -8.01 -14.18
N PHE B 566 -20.28 -7.61 -13.62
CA PHE B 566 -19.88 -8.18 -12.36
C PHE B 566 -20.89 -7.95 -11.27
N TRP B 567 -21.29 -6.70 -11.07
CA TRP B 567 -22.19 -6.43 -9.93
C TRP B 567 -23.58 -7.01 -10.21
N GLU B 568 -24.00 -6.95 -11.46
CA GLU B 568 -25.25 -7.62 -11.81
C GLU B 568 -25.18 -9.09 -11.43
N SER B 569 -24.08 -9.77 -11.81
CA SER B 569 -23.99 -11.22 -11.50
C SER B 569 -24.15 -11.44 -10.00
N VAL B 570 -23.50 -10.60 -9.20
CA VAL B 570 -23.54 -10.79 -7.75
C VAL B 570 -24.96 -10.69 -7.20
N PHE B 571 -25.65 -9.60 -7.54
CA PHE B 571 -26.97 -9.38 -6.95
C PHE B 571 -28.02 -10.39 -7.50
N THR B 572 -27.82 -10.83 -8.73
CA THR B 572 -28.69 -11.77 -9.37
C THR B 572 -28.82 -13.06 -8.56
N GLY B 573 -27.75 -13.48 -7.85
CA GLY B 573 -27.78 -14.68 -7.03
C GLY B 573 -28.36 -14.50 -5.64
N LEU B 574 -28.66 -13.27 -5.26
CA LEU B 574 -29.15 -13.01 -3.89
C LEU B 574 -30.68 -13.08 -3.85
N THR B 575 -31.20 -14.31 -3.90
CA THR B 575 -32.67 -14.55 -3.94
C THR B 575 -33.29 -14.89 -2.60
N HIS B 576 -34.58 -14.57 -2.48
CA HIS B 576 -35.37 -14.94 -1.31
C HIS B 576 -34.81 -14.34 -0.04
N ILE B 577 -34.47 -13.07 -0.11
CA ILE B 577 -34.09 -12.34 1.08
C ILE B 577 -35.23 -12.34 2.13
N ASP B 578 -34.87 -12.32 3.42
CA ASP B 578 -35.86 -12.19 4.47
C ASP B 578 -36.39 -10.74 4.56
N ALA B 579 -37.66 -10.55 4.25
CA ALA B 579 -38.27 -9.22 4.20
C ALA B 579 -38.09 -8.44 5.49
N HIS B 580 -38.09 -9.15 6.61
CA HIS B 580 -38.07 -8.50 7.91
C HIS B 580 -36.70 -7.90 8.16
N PHE B 581 -35.65 -8.67 7.91
CA PHE B 581 -34.29 -8.17 8.05
C PHE B 581 -34.07 -6.95 7.13
N LEU B 582 -34.57 -7.01 5.90
CA LEU B 582 -34.42 -5.92 4.94
C LEU B 582 -35.15 -4.66 5.42
N SER B 583 -36.39 -4.81 5.87
CA SER B 583 -37.11 -3.68 6.43
C SER B 583 -36.28 -3.05 7.54
N GLN B 584 -35.71 -3.87 8.41
CA GLN B 584 -34.90 -3.34 9.52
C GLN B 584 -33.58 -2.67 9.11
N THR B 585 -32.93 -3.14 8.05
CA THR B 585 -31.68 -2.51 7.60
C THR B 585 -32.01 -1.23 6.86
N LYS B 586 -33.10 -1.25 6.10
CA LYS B 586 -33.60 -0.06 5.42
C LYS B 586 -33.92 0.99 6.47
N GLN B 587 -34.74 0.59 7.45
CA GLN B 587 -35.17 1.49 8.52
C GLN B 587 -33.99 2.07 9.29
N ALA B 588 -33.01 1.26 9.66
CA ALA B 588 -31.85 1.77 10.39
C ALA B 588 -30.98 2.71 9.54
N GLY B 589 -31.17 2.69 8.23
CA GLY B 589 -30.59 3.71 7.35
C GLY B 589 -29.09 3.64 7.05
N ASP B 590 -28.46 2.48 7.27
CA ASP B 590 -27.04 2.31 6.93
C ASP B 590 -26.85 1.84 5.46
N ASN B 591 -25.60 1.73 5.03
CA ASN B 591 -25.20 1.93 3.63
C ASN B 591 -25.49 0.91 2.53
N PHE B 592 -25.57 -0.34 2.91
CA PHE B 592 -25.84 -1.42 1.95
C PHE B 592 -26.87 -2.24 2.69
N PRO B 593 -28.10 -1.72 2.79
CA PRO B 593 -29.14 -2.45 3.53
C PRO B 593 -29.38 -3.81 2.92
N TYR B 594 -29.30 -3.92 1.61
CA TYR B 594 -29.58 -5.22 0.95
C TYR B 594 -28.49 -6.29 1.18
N LEU B 595 -27.22 -5.93 0.99
CA LEU B 595 -26.12 -6.85 1.33
C LEU B 595 -26.13 -7.24 2.81
N VAL B 596 -26.35 -6.26 3.67
CA VAL B 596 -26.41 -6.55 5.10
C VAL B 596 -27.55 -7.56 5.41
N ALA B 597 -28.77 -7.18 5.03
CA ALA B 597 -29.92 -8.05 5.19
C ALA B 597 -29.76 -9.44 4.54
N TYR B 598 -29.06 -9.52 3.41
CA TYR B 598 -28.93 -10.78 2.74
C TYR B 598 -27.97 -11.70 3.48
N GLN B 599 -26.92 -11.12 4.04
CA GLN B 599 -26.00 -11.92 4.84
C GLN B 599 -26.71 -12.41 6.08
N ALA B 600 -27.49 -11.52 6.68
CA ALA B 600 -28.29 -11.91 7.85
C ALA B 600 -29.32 -13.00 7.49
N THR B 601 -29.97 -12.86 6.34
CA THR B 601 -30.82 -13.94 5.86
C THR B 601 -30.07 -15.30 5.79
N VAL B 602 -28.87 -15.34 5.19
CA VAL B 602 -28.23 -16.67 5.06
C VAL B 602 -27.69 -17.20 6.39
N CYS B 603 -27.26 -16.30 7.26
CA CYS B 603 -26.91 -16.68 8.61
C CYS B 603 -28.10 -17.35 9.32
N ALA B 604 -29.22 -16.64 9.43
CA ALA B 604 -30.40 -17.21 10.11
C ALA B 604 -30.77 -18.60 9.55
N ARG B 605 -30.89 -18.70 8.24
CA ARG B 605 -31.27 -19.96 7.61
C ARG B 605 -30.29 -21.11 7.78
N ALA B 606 -29.00 -20.77 7.76
CA ALA B 606 -27.95 -21.73 8.10
C ALA B 606 -27.87 -21.95 9.61
N GLN B 607 -28.66 -21.20 10.39
CA GLN B 607 -28.69 -21.40 11.82
C GLN B 607 -27.31 -21.07 12.39
N ALA B 608 -26.66 -20.06 11.80
CA ALA B 608 -25.27 -19.71 12.15
C ALA B 608 -25.09 -18.22 12.50
N PRO B 609 -24.03 -17.88 13.27
CA PRO B 609 -23.84 -16.49 13.73
C PRO B 609 -23.31 -15.49 12.65
N PRO B 610 -23.53 -14.18 12.87
CA PRO B 610 -23.05 -13.17 11.93
C PRO B 610 -21.54 -12.99 12.06
N PRO B 611 -20.90 -12.31 11.09
CA PRO B 611 -19.44 -12.12 11.11
C PRO B 611 -18.92 -11.48 12.40
N SER B 612 -19.75 -10.66 13.04
CA SER B 612 -19.45 -10.09 14.35
C SER B 612 -20.76 -9.71 15.03
N TRP B 613 -20.68 -9.11 16.22
CA TRP B 613 -21.86 -8.55 16.87
C TRP B 613 -21.79 -7.01 16.92
N ASP B 614 -21.09 -6.42 15.95
CA ASP B 614 -21.19 -4.99 15.66
C ASP B 614 -22.64 -4.62 15.39
N GLN B 615 -22.94 -3.33 15.52
CA GLN B 615 -24.29 -2.80 15.32
C GLN B 615 -24.88 -3.17 13.95
N MET B 616 -24.02 -3.30 12.94
CA MET B 616 -24.47 -3.68 11.62
C MET B 616 -25.36 -4.92 11.68
N TRP B 617 -25.06 -5.86 12.58
CA TRP B 617 -25.73 -7.17 12.63
C TRP B 617 -26.82 -7.27 13.70
N LYS B 618 -27.27 -6.14 14.22
CA LYS B 618 -28.25 -6.11 15.31
C LYS B 618 -29.59 -6.82 14.99
N CYS B 619 -29.97 -6.84 13.71
CA CYS B 619 -31.20 -7.52 13.28
C CYS B 619 -31.24 -9.03 13.61
N LEU B 620 -30.10 -9.61 14.01
CA LEU B 620 -29.99 -11.02 14.41
C LEU B 620 -29.98 -11.21 15.94
N ILE B 621 -29.99 -10.11 16.72
CA ILE B 621 -29.80 -10.19 18.18
C ILE B 621 -30.73 -11.18 18.92
N ARG B 622 -32.01 -11.22 18.55
CA ARG B 622 -32.93 -12.11 19.27
C ARG B 622 -32.68 -13.58 18.95
N LEU B 623 -31.86 -13.86 17.94
CA LEU B 623 -31.52 -15.25 17.63
C LEU B 623 -30.17 -15.63 18.20
N LYS B 624 -29.51 -14.68 18.86
CA LYS B 624 -28.16 -14.86 19.37
C LYS B 624 -27.94 -16.07 20.27
N PRO B 625 -28.90 -16.42 21.13
CA PRO B 625 -28.68 -17.65 21.90
C PRO B 625 -28.66 -18.93 21.06
N THR B 626 -29.41 -18.96 19.94
CA THR B 626 -29.52 -20.19 19.14
C THR B 626 -28.64 -20.19 17.87
N LEU B 627 -27.55 -19.42 17.88
CA LEU B 627 -26.68 -19.22 16.70
C LEU B 627 -25.80 -20.45 16.41
N HIS B 628 -24.49 -20.27 16.49
CA HIS B 628 -23.46 -21.32 16.67
C HIS B 628 -22.79 -21.83 15.38
N GLY B 629 -21.46 -21.99 15.48
CA GLY B 629 -20.65 -22.44 14.35
C GLY B 629 -19.97 -21.28 13.64
N PRO B 630 -19.33 -21.59 12.50
CA PRO B 630 -18.67 -20.60 11.68
C PRO B 630 -19.67 -19.86 10.78
N THR B 631 -19.40 -18.60 10.46
CA THR B 631 -20.34 -17.85 9.65
C THR B 631 -20.18 -18.20 8.18
N PRO B 632 -21.29 -18.39 7.49
CA PRO B 632 -21.15 -18.56 6.08
C PRO B 632 -21.00 -17.17 5.44
N LEU B 633 -19.74 -16.76 5.31
CA LEU B 633 -19.37 -15.42 4.86
C LEU B 633 -19.58 -15.28 3.36
N LEU B 634 -20.34 -14.26 2.97
CA LEU B 634 -20.61 -13.96 1.55
C LEU B 634 -19.62 -12.95 0.96
N TYR B 635 -19.13 -12.08 1.84
CA TYR B 635 -18.36 -10.90 1.50
C TYR B 635 -18.05 -10.18 2.80
N ARG B 636 -17.20 -9.17 2.73
CA ARG B 636 -16.80 -8.46 3.92
C ARG B 636 -17.22 -7.01 3.85
N LEU B 637 -18.01 -6.64 4.86
CA LEU B 637 -18.56 -5.31 5.00
C LEU B 637 -18.01 -4.68 6.27
N GLY B 638 -17.14 -5.40 6.98
CA GLY B 638 -16.45 -4.86 8.14
C GLY B 638 -15.54 -5.93 8.72
N ALA B 639 -15.11 -5.71 9.94
CA ALA B 639 -14.29 -6.67 10.65
C ALA B 639 -15.07 -7.97 10.83
N VAL B 640 -14.38 -9.09 10.62
CA VAL B 640 -14.94 -10.41 10.78
C VAL B 640 -14.23 -11.05 11.97
N GLN B 641 -14.94 -11.16 13.10
CA GLN B 641 -14.36 -11.71 14.32
C GLN B 641 -14.60 -13.21 14.46
N ASN B 642 -15.80 -13.65 14.09
CA ASN B 642 -16.14 -15.08 14.21
C ASN B 642 -15.41 -15.91 13.17
N GLU B 643 -15.39 -17.23 13.38
CA GLU B 643 -14.86 -18.18 12.40
C GLU B 643 -15.77 -18.21 11.20
N VAL B 644 -15.22 -18.57 10.04
CA VAL B 644 -15.97 -18.53 8.81
C VAL B 644 -15.95 -19.87 8.10
N THR B 645 -17.06 -20.21 7.46
CA THR B 645 -17.08 -21.32 6.54
C THR B 645 -17.39 -20.80 5.15
N LEU B 646 -16.86 -21.51 4.16
CA LEU B 646 -16.98 -21.18 2.74
C LEU B 646 -17.85 -22.20 2.02
N THR B 647 -18.62 -22.97 2.79
CA THR B 647 -19.42 -24.06 2.23
C THR B 647 -20.77 -23.63 1.68
N HIS B 648 -21.31 -22.50 2.11
CA HIS B 648 -22.64 -22.09 1.64
C HIS B 648 -22.64 -21.89 0.13
N PRO B 649 -23.68 -22.36 -0.57
CA PRO B 649 -23.70 -22.19 -2.03
C PRO B 649 -23.78 -20.75 -2.54
N ILE B 650 -24.29 -19.81 -1.73
CA ILE B 650 -24.29 -18.39 -2.12
C ILE B 650 -22.84 -17.87 -2.14
N THR B 651 -22.09 -18.19 -1.09
CA THR B 651 -20.64 -17.91 -1.02
C THR B 651 -19.97 -18.46 -2.26
N LYS B 652 -20.18 -19.74 -2.53
CA LYS B 652 -19.62 -20.36 -3.74
C LYS B 652 -20.04 -19.68 -5.03
N TYR B 653 -21.32 -19.30 -5.11
CA TYR B 653 -21.81 -18.51 -6.27
C TYR B 653 -21.04 -17.16 -6.38
N ILE B 654 -20.94 -16.43 -5.27
CA ILE B 654 -20.22 -15.13 -5.33
C ILE B 654 -18.74 -15.34 -5.65
N MET B 655 -18.13 -16.38 -5.06
CA MET B 655 -16.77 -16.77 -5.45
C MET B 655 -16.67 -16.98 -6.95
N ALA B 656 -17.63 -17.71 -7.53
CA ALA B 656 -17.61 -17.91 -8.98
C ALA B 656 -17.75 -16.58 -9.72
N CYS B 657 -18.60 -15.68 -9.22
CA CYS B 657 -18.70 -14.34 -9.82
C CYS B 657 -17.36 -13.58 -9.94
N MET B 658 -16.40 -13.88 -9.04
CA MET B 658 -15.08 -13.19 -9.05
C MET B 658 -14.21 -13.51 -10.26
N SER B 659 -14.57 -14.55 -11.02
CA SER B 659 -13.81 -14.90 -12.22
C SER B 659 -14.14 -14.03 -13.43
N ALA B 660 -15.16 -13.18 -13.32
CA ALA B 660 -15.49 -12.25 -14.40
C ALA B 660 -14.35 -11.29 -14.71
N ASP B 661 -14.35 -10.82 -15.95
CA ASP B 661 -13.41 -9.79 -16.43
C ASP B 661 -13.63 -8.52 -15.61
N LEU B 662 -12.58 -8.01 -14.99
CA LEU B 662 -12.68 -6.80 -14.19
C LEU B 662 -11.70 -5.75 -14.66
N GLU B 663 -12.23 -4.64 -15.14
CA GLU B 663 -11.37 -3.53 -15.51
C GLU B 663 -10.65 -3.04 -14.27
N VAL B 664 -9.34 -2.85 -14.35
CA VAL B 664 -8.61 -2.24 -13.25
C VAL B 664 -7.58 -1.29 -13.85
N VAL B 665 -7.49 -0.10 -13.29
CA VAL B 665 -6.60 0.92 -13.83
C VAL B 665 -5.16 0.64 -13.40
N THR B 666 -4.25 1.02 -14.28
CA THR B 666 -2.82 0.79 -14.09
C THR B 666 -2.07 2.12 -14.09
#